data_4Z77
#
_entry.id   4Z77
#
_cell.length_a   66.150
_cell.length_b   84.530
_cell.length_c   72.860
_cell.angle_alpha   90.000
_cell.angle_beta   106.860
_cell.angle_gamma   90.000
#
_symmetry.space_group_name_H-M   'P 1 21 1'
#
loop_
_entity.id
_entity.type
_entity.pdbx_description
1 polymer 'H-2 class I histocompatibility antigen, K-D alpha chain'
2 polymer Beta-2-microglobulin
3 polymer Insulin
4 non-polymer GLYCEROL
5 non-polymer 'POLYETHYLENE GLYCOL (N=34)'
6 non-polymer 1,2-ETHANEDIOL
7 non-polymer 'SULFATE ION'
8 water water
#
loop_
_entity_poly.entity_id
_entity_poly.type
_entity_poly.pdbx_seq_one_letter_code
_entity_poly.pdbx_strand_id
1 'polypeptide(L)'
;MGPHSLRYFVTAVSRPGLGEPRFIAVGYVDDTQFVRFDSDADNPRFEPRAPWMEQEGPEYWEEQTQRAKSDEQWFRVSLR
TAQRYYNQSKGGSHTFQRMFGCDVGSDWRLLRGYHQFAYDGRDYIALNEDLKTWTAADTAALITRRKWEQAGDAEYYRAY
LEGECVEWLRRYLELGNETLLRTDSPKAHVTYHPRSQVDVTLRCWALGFYPADITLTWQLNGEDLTQDMELVETRPAGDG
TFQKWAAVVVPLGKEQNYTCHVHHKGLPEPLTLRWKP
;
A,D
2 'polypeptide(L)'
;MIQRTPKIQVYSRHPAENGKSNFLNCYVSGFHPSDIEVDLLKNGERIEKVEHSDLSFSKDWSFYLLYYTEFTPTEKDEYA
CRVNHVTLSQPKIVKWDRDM
;
B,E
3 'polypeptide(L)' LYLVCGERV C,F
#
loop_
_chem_comp.id
_chem_comp.type
_chem_comp.name
_chem_comp.formula
15P non-polymer 'POLYETHYLENE GLYCOL (N=34)' 'C69 H140 O35'
EDO non-polymer 1,2-ETHANEDIOL 'C2 H6 O2'
GOL non-polymer GLYCEROL 'C3 H8 O3'
SO4 non-polymer 'SULFATE ION' 'O4 S -2'
#
# COMPACT_ATOMS: atom_id res chain seq x y z
N MET A 1 -3.78 -11.80 0.72
CA MET A 1 -3.73 -13.17 1.30
C MET A 1 -2.32 -13.47 1.79
N GLY A 2 -2.15 -14.76 2.13
CA GLY A 2 -0.86 -15.38 2.22
C GLY A 2 -0.48 -15.14 3.64
N PRO A 3 0.69 -15.62 4.04
CA PRO A 3 1.13 -15.44 5.43
C PRO A 3 1.62 -14.03 5.69
N HIS A 4 1.70 -13.65 6.95
CA HIS A 4 2.24 -12.36 7.28
C HIS A 4 3.17 -12.52 8.42
N SER A 5 3.93 -11.47 8.70
CA SER A 5 4.84 -11.50 9.85
C SER A 5 4.95 -10.16 10.55
N LEU A 6 5.14 -10.22 11.88
CA LEU A 6 5.52 -9.06 12.68
C LEU A 6 6.86 -9.41 13.27
N ARG A 7 7.85 -8.54 13.09
CA ARG A 7 9.24 -8.84 13.53
C ARG A 7 9.86 -7.60 14.05
N TYR A 8 10.61 -7.73 15.12
CA TYR A 8 11.48 -6.66 15.56
C TYR A 8 12.95 -7.10 15.45
N PHE A 9 13.79 -6.17 15.08
CA PHE A 9 15.24 -6.35 15.02
C PHE A 9 15.92 -5.31 15.88
N VAL A 10 16.57 -5.82 16.92
CA VAL A 10 17.07 -5.02 18.01
C VAL A 10 18.60 -5.16 18.09
N THR A 11 19.31 -4.04 18.21
CA THR A 11 20.78 -4.07 18.24
C THR A 11 21.21 -3.14 19.40
N ALA A 12 22.08 -3.64 20.28
CA ALA A 12 22.72 -2.80 21.27
C ALA A 12 24.22 -2.90 21.06
N VAL A 13 24.91 -1.78 20.99
CA VAL A 13 26.33 -1.83 20.83
C VAL A 13 27.01 -1.01 21.91
N SER A 14 27.89 -1.62 22.68
CA SER A 14 28.62 -0.82 23.69
C SER A 14 29.65 0.13 23.03
N ARG A 15 29.97 1.19 23.74
CA ARG A 15 31.00 2.11 23.30
C ARG A 15 32.00 2.29 24.44
N PRO A 16 33.21 1.82 24.22
CA PRO A 16 34.13 1.73 25.35
C PRO A 16 34.23 3.04 26.11
N GLY A 17 34.12 2.94 27.44
CA GLY A 17 34.14 4.09 28.33
C GLY A 17 32.75 4.59 28.72
N LEU A 18 32.51 5.88 28.53
CA LEU A 18 31.34 6.53 29.15
C LEU A 18 30.37 7.11 28.11
N GLY A 19 30.29 6.46 26.96
CA GLY A 19 29.04 6.42 26.23
C GLY A 19 28.27 5.24 26.80
N GLU A 20 26.96 5.38 27.03
CA GLU A 20 26.10 4.19 27.22
C GLU A 20 25.99 3.51 25.88
N PRO A 21 25.60 2.23 25.84
CA PRO A 21 25.44 1.56 24.56
C PRO A 21 24.39 2.18 23.65
N ARG A 22 24.69 2.19 22.35
CA ARG A 22 23.70 2.54 21.36
C ARG A 22 22.66 1.46 21.38
N PHE A 23 21.37 1.83 21.49
CA PHE A 23 20.30 0.86 21.41
C PHE A 23 19.35 1.30 20.30
N ILE A 24 19.02 0.36 19.41
CA ILE A 24 18.22 0.55 18.19
C ILE A 24 17.27 -0.62 18.05
N ALA A 25 15.97 -0.32 17.86
CA ALA A 25 14.99 -1.33 17.58
C ALA A 25 14.20 -0.88 16.36
N VAL A 26 13.95 -1.82 15.45
CA VAL A 26 13.23 -1.53 14.28
C VAL A 26 12.16 -2.60 14.18
N GLY A 27 10.95 -2.20 13.81
CA GLY A 27 9.87 -3.11 13.53
C GLY A 27 9.45 -3.18 12.04
N TYR A 28 9.07 -4.37 11.61
CA TYR A 28 8.60 -4.62 10.29
C TYR A 28 7.32 -5.43 10.36
N VAL A 29 6.41 -5.11 9.44
CA VAL A 29 5.31 -5.96 9.10
C VAL A 29 5.59 -6.42 7.70
N ASP A 30 5.68 -7.73 7.53
CA ASP A 30 6.17 -8.34 6.28
C ASP A 30 7.45 -7.60 5.87
N ASP A 31 7.49 -7.04 4.66
CA ASP A 31 8.73 -6.38 4.16
C ASP A 31 8.72 -4.85 4.30
N THR A 32 7.89 -4.35 5.21
CA THR A 32 7.61 -2.92 5.35
C THR A 32 7.98 -2.50 6.79
N GLN A 33 8.96 -1.63 6.90
CA GLN A 33 9.31 -1.12 8.20
C GLN A 33 8.23 -0.16 8.66
N PHE A 34 7.83 -0.26 9.94
CA PHE A 34 6.76 0.60 10.44
C PHE A 34 7.07 1.40 11.68
N VAL A 35 8.09 1.01 12.45
CA VAL A 35 8.51 1.78 13.61
C VAL A 35 10.01 1.70 13.86
N ARG A 36 10.51 2.67 14.63
CA ARG A 36 11.83 2.57 15.18
C ARG A 36 11.95 3.26 16.52
N PHE A 37 13.01 2.85 17.22
CA PHE A 37 13.50 3.52 18.42
C PHE A 37 15.03 3.58 18.32
N ASP A 38 15.58 4.74 18.57
CA ASP A 38 17.01 4.93 18.63
C ASP A 38 17.41 5.75 19.87
N SER A 39 18.23 5.15 20.73
CA SER A 39 18.72 5.79 21.93
C SER A 39 19.49 7.07 21.68
N ASP A 40 20.04 7.22 20.49
CA ASP A 40 20.82 8.43 20.19
C ASP A 40 20.04 9.63 19.70
N ALA A 41 18.73 9.51 19.54
CA ALA A 41 17.90 10.71 19.48
C ALA A 41 18.09 11.47 20.81
N ASP A 42 18.07 12.80 20.76
CA ASP A 42 18.32 13.60 21.98
C ASP A 42 17.08 13.62 22.92
N ASN A 43 15.91 13.32 22.34
CA ASN A 43 14.74 12.85 23.09
C ASN A 43 14.14 11.58 22.47
N PRO A 44 14.68 10.39 22.84
CA PRO A 44 14.34 9.15 22.15
C PRO A 44 13.01 8.49 22.54
N ARG A 45 12.28 8.07 21.50
CA ARG A 45 10.90 7.61 21.59
C ARG A 45 10.61 6.64 20.51
N PHE A 46 9.71 5.70 20.73
CA PHE A 46 9.28 4.90 19.59
C PHE A 46 8.60 5.86 18.62
N GLU A 47 8.91 5.75 17.32
CA GLU A 47 8.42 6.67 16.28
C GLU A 47 7.87 5.86 15.11
N PRO A 48 6.84 6.40 14.42
CA PRO A 48 6.36 5.72 13.25
C PRO A 48 7.38 5.87 12.12
N ARG A 49 7.47 4.88 11.27
CA ARG A 49 8.29 5.00 10.05
C ARG A 49 7.47 4.66 8.82
N ALA A 50 6.14 4.68 8.95
CA ALA A 50 5.28 4.49 7.80
C ALA A 50 4.13 5.43 8.10
N PRO A 51 3.57 6.09 7.08
CA PRO A 51 2.52 7.11 7.34
C PRO A 51 1.27 6.55 8.04
N TRP A 52 0.92 5.30 7.72
CA TRP A 52 -0.27 4.69 8.27
C TRP A 52 -0.19 4.47 9.78
N MET A 53 1.03 4.49 10.32
CA MET A 53 1.21 4.38 11.75
C MET A 53 0.84 5.65 12.52
N GLU A 54 0.70 6.76 11.82
CA GLU A 54 0.24 7.99 12.47
C GLU A 54 -1.20 7.88 13.01
N GLN A 55 -1.92 6.84 12.59
CA GLN A 55 -3.23 6.52 13.15
C GLN A 55 -3.19 6.07 14.64
N GLU A 56 -2.02 5.64 15.13
CA GLU A 56 -1.89 5.36 16.57
C GLU A 56 -1.68 6.65 17.35
N GLY A 57 -2.38 6.77 18.48
CA GLY A 57 -2.38 8.01 19.28
C GLY A 57 -1.30 8.00 20.36
N PRO A 58 -1.18 9.09 21.13
CA PRO A 58 -0.23 9.26 22.25
C PRO A 58 -0.01 8.10 23.25
N GLU A 59 -1.07 7.44 23.71
CA GLU A 59 -0.86 6.29 24.60
C GLU A 59 -0.05 5.15 23.96
N TYR A 60 -0.34 4.82 22.69
CA TYR A 60 0.44 3.77 22.00
C TYR A 60 1.93 4.07 22.02
N TRP A 61 2.27 5.30 21.68
CA TRP A 61 3.67 5.72 21.55
C TRP A 61 4.36 5.74 22.92
N GLU A 62 3.62 6.12 23.94
CA GLU A 62 4.15 6.15 25.30
C GLU A 62 4.38 4.73 25.83
N GLU A 63 3.43 3.83 25.62
CA GLU A 63 3.53 2.46 26.12
C GLU A 63 4.67 1.76 25.40
N GLN A 64 4.76 1.95 24.09
CA GLN A 64 5.89 1.39 23.29
C GLN A 64 7.23 1.92 23.77
N THR A 65 7.35 3.21 24.01
CA THR A 65 8.56 3.78 24.51
C THR A 65 8.98 3.23 25.86
N GLN A 66 8.05 3.15 26.82
CA GLN A 66 8.37 2.56 28.15
C GLN A 66 8.93 1.17 27.94
N ARG A 67 8.36 0.39 27.01
CA ARG A 67 8.78 -1.01 26.80
C ARG A 67 10.17 -1.00 26.25
N ALA A 68 10.45 -0.16 25.24
CA ALA A 68 11.82 -0.03 24.64
C ALA A 68 12.84 0.37 25.69
N LYS A 69 12.50 1.35 26.51
CA LYS A 69 13.40 1.80 27.55
C LYS A 69 13.69 0.71 28.55
N SER A 70 12.71 -0.14 28.83
CA SER A 70 12.93 -1.22 29.79
C SER A 70 13.91 -2.22 29.19
N ASP A 71 13.69 -2.56 27.93
CA ASP A 71 14.60 -3.46 27.18
C ASP A 71 16.01 -2.87 26.98
N GLU A 72 16.10 -1.54 26.78
CA GLU A 72 17.39 -0.87 26.74
C GLU A 72 18.20 -1.20 28.01
N GLN A 73 17.56 -1.05 29.15
CA GLN A 73 18.16 -1.43 30.42
C GLN A 73 18.61 -2.88 30.45
N TRP A 74 17.73 -3.76 29.98
CA TRP A 74 18.05 -5.17 29.90
C TRP A 74 19.38 -5.44 29.17
N PHE A 75 19.56 -4.76 28.05
CA PHE A 75 20.79 -4.93 27.28
C PHE A 75 22.00 -4.29 27.96
N ARG A 76 21.82 -3.14 28.60
CA ARG A 76 22.94 -2.57 29.39
C ARG A 76 23.46 -3.57 30.40
N VAL A 77 22.55 -4.23 31.09
CA VAL A 77 22.94 -5.25 32.04
C VAL A 77 23.52 -6.50 31.37
N SER A 78 22.88 -6.97 30.31
CA SER A 78 23.28 -8.21 29.66
C SER A 78 24.62 -8.05 28.89
N LEU A 79 24.89 -6.86 28.38
CA LEU A 79 26.19 -6.57 27.76
C LEU A 79 27.29 -6.67 28.82
N ARG A 80 27.07 -6.11 30.01
CA ARG A 80 28.07 -6.22 31.08
C ARG A 80 28.29 -7.67 31.46
N THR A 81 27.21 -8.46 31.59
CA THR A 81 27.35 -9.90 31.97
C THR A 81 28.13 -10.72 30.92
N ALA A 82 27.80 -10.52 29.65
CA ALA A 82 28.45 -11.23 28.56
C ALA A 82 29.94 -10.97 28.56
N GLN A 83 30.30 -9.71 28.75
CA GLN A 83 31.68 -9.32 28.76
C GLN A 83 32.45 -10.09 29.83
N ARG A 84 31.80 -10.29 30.99
CA ARG A 84 32.36 -11.12 32.06
C ARG A 84 32.37 -12.61 31.69
N TYR A 85 31.30 -13.11 31.05
CA TYR A 85 31.29 -14.52 30.57
C TYR A 85 32.44 -14.88 29.61
N TYR A 86 32.79 -13.92 28.77
CA TYR A 86 33.80 -14.12 27.74
C TYR A 86 35.16 -13.54 28.15
N ASN A 87 35.27 -13.08 29.40
CA ASN A 87 36.47 -12.43 29.93
C ASN A 87 37.04 -11.38 29.00
N GLN A 88 36.17 -10.50 28.52
CA GLN A 88 36.57 -9.44 27.63
C GLN A 88 36.94 -8.20 28.47
N SER A 89 37.91 -7.44 28.03
CA SER A 89 38.28 -6.21 28.73
C SER A 89 37.24 -5.14 28.45
N LYS A 90 37.30 -4.06 29.23
CA LYS A 90 36.44 -2.87 28.98
C LYS A 90 36.87 -2.03 27.76
N GLY A 91 38.06 -2.27 27.23
CA GLY A 91 38.53 -1.50 26.11
C GLY A 91 37.58 -1.64 24.93
N GLY A 92 36.93 -2.80 24.79
CA GLY A 92 36.28 -3.15 23.53
C GLY A 92 34.78 -2.95 23.37
N SER A 93 34.37 -2.56 22.18
CA SER A 93 32.99 -2.52 21.80
C SER A 93 32.44 -3.94 21.51
N HIS A 94 31.26 -4.22 21.99
CA HIS A 94 30.58 -5.49 21.70
C HIS A 94 29.12 -5.28 21.33
N THR A 95 28.53 -6.30 20.68
CA THR A 95 27.20 -6.19 20.09
C THR A 95 26.30 -7.34 20.50
N PHE A 96 25.15 -6.98 21.06
CA PHE A 96 24.05 -7.91 21.24
C PHE A 96 22.99 -7.60 20.18
N GLN A 97 22.45 -8.65 19.55
CA GLN A 97 21.31 -8.52 18.68
C GLN A 97 20.19 -9.43 19.17
N ARG A 98 18.94 -8.99 19.02
CA ARG A 98 17.77 -9.78 19.39
C ARG A 98 16.76 -9.68 18.26
N MET A 99 16.14 -10.78 17.92
CA MET A 99 14.96 -10.67 17.13
C MET A 99 13.81 -11.44 17.74
N PHE A 100 12.61 -10.86 17.60
CA PHE A 100 11.43 -11.59 18.05
C PHE A 100 10.24 -11.27 17.15
N GLY A 101 9.26 -12.17 17.10
CA GLY A 101 8.01 -11.88 16.42
C GLY A 101 7.27 -13.14 16.04
N CYS A 102 6.28 -12.98 15.16
CA CYS A 102 5.35 -14.05 14.84
C CYS A 102 5.06 -14.11 13.34
N ASP A 103 4.96 -15.32 12.80
CA ASP A 103 4.51 -15.56 11.45
C ASP A 103 3.15 -16.20 11.60
N VAL A 104 2.19 -15.73 10.82
CA VAL A 104 0.84 -16.24 10.91
C VAL A 104 0.35 -16.64 9.54
N GLY A 105 -0.52 -17.64 9.51
CA GLY A 105 -1.03 -18.14 8.25
C GLY A 105 -2.11 -17.21 7.71
N SER A 106 -2.61 -17.52 6.51
CA SER A 106 -3.79 -16.82 5.98
C SER A 106 -4.98 -16.84 6.95
N ASP A 107 -5.14 -17.94 7.68
CA ASP A 107 -6.24 -18.11 8.63
C ASP A 107 -5.99 -17.43 10.00
N TRP A 108 -4.80 -16.85 10.18
CA TRP A 108 -4.43 -16.14 11.41
C TRP A 108 -3.95 -17.09 12.53
N ARG A 109 -3.82 -18.39 12.25
CA ARG A 109 -3.20 -19.29 13.22
C ARG A 109 -1.71 -18.93 13.24
N LEU A 110 -1.10 -18.85 14.42
CA LEU A 110 0.35 -18.67 14.51
C LEU A 110 1.05 -19.84 13.80
N LEU A 111 2.02 -19.52 12.95
CA LEU A 111 2.80 -20.50 12.23
C LEU A 111 4.10 -20.70 12.97
N ARG A 112 4.68 -19.63 13.45
CA ARG A 112 5.90 -19.73 14.18
C ARG A 112 6.16 -18.47 14.98
N GLY A 113 6.62 -18.64 16.22
CA GLY A 113 7.12 -17.54 17.00
C GLY A 113 8.62 -17.59 17.12
N TYR A 114 9.23 -16.42 17.36
CA TYR A 114 10.68 -16.32 17.48
C TYR A 114 11.08 -15.47 18.63
N HIS A 115 12.16 -15.86 19.32
CA HIS A 115 12.79 -14.97 20.23
C HIS A 115 14.25 -15.43 20.37
N GLN A 116 15.17 -14.71 19.76
CA GLN A 116 16.63 -15.17 19.75
C GLN A 116 17.57 -14.08 19.73
N PHE A 117 18.84 -14.46 19.96
CA PHE A 117 19.91 -13.53 20.32
C PHE A 117 21.20 -13.93 19.60
N ALA A 118 21.99 -12.93 19.29
CA ALA A 118 23.38 -13.15 18.83
C ALA A 118 24.24 -12.21 19.60
N TYR A 119 25.49 -12.62 19.84
CA TYR A 119 26.51 -11.79 20.50
C TYR A 119 27.73 -11.74 19.61
N ASP A 120 28.19 -10.52 19.30
CA ASP A 120 29.37 -10.29 18.46
C ASP A 120 29.29 -11.04 17.11
N GLY A 121 28.08 -11.07 16.54
CA GLY A 121 27.82 -11.59 15.22
C GLY A 121 27.53 -13.07 15.15
N ARG A 122 27.58 -13.79 16.27
CA ARG A 122 27.20 -15.23 16.22
C ARG A 122 26.06 -15.58 17.16
N ASP A 123 25.34 -16.65 16.81
CA ASP A 123 24.23 -17.14 17.63
C ASP A 123 24.70 -17.26 19.05
N TYR A 124 23.85 -16.81 19.95
CA TYR A 124 24.12 -16.93 21.34
C TYR A 124 23.07 -17.89 21.89
N ILE A 125 21.80 -17.47 21.91
CA ILE A 125 20.73 -18.39 22.37
C ILE A 125 19.43 -18.14 21.63
N ALA A 126 18.67 -19.20 21.40
CA ALA A 126 17.43 -19.14 20.62
C ALA A 126 16.30 -19.93 21.26
N LEU A 127 15.12 -19.33 21.33
CA LEU A 127 13.94 -20.07 21.68
C LEU A 127 13.59 -20.96 20.54
N ASN A 128 13.44 -22.25 20.82
CA ASN A 128 13.11 -23.20 19.80
C ASN A 128 11.68 -23.05 19.32
N GLU A 129 11.43 -23.77 18.26
CA GLU A 129 10.17 -23.79 17.56
C GLU A 129 8.96 -24.16 18.49
N ASP A 130 9.26 -25.01 19.46
CA ASP A 130 8.25 -25.44 20.42
C ASP A 130 7.81 -24.30 21.37
N LEU A 131 8.59 -23.22 21.40
CA LEU A 131 8.36 -22.09 22.29
C LEU A 131 8.49 -22.49 23.75
N LYS A 132 9.41 -23.42 24.02
CA LYS A 132 9.68 -23.71 25.40
C LYS A 132 11.00 -24.39 25.72
N THR A 133 11.78 -24.81 24.72
CA THR A 133 13.15 -25.19 24.95
C THR A 133 14.06 -24.15 24.31
N TRP A 134 15.33 -24.16 24.68
CA TRP A 134 16.31 -23.19 24.17
C TRP A 134 17.52 -23.92 23.55
N THR A 135 18.02 -23.43 22.43
CA THR A 135 19.26 -23.89 21.87
C THR A 135 20.30 -22.88 22.23
N ALA A 136 21.34 -23.28 22.95
CA ALA A 136 22.51 -22.38 23.22
C ALA A 136 23.66 -22.68 22.21
N ALA A 137 24.44 -21.67 21.80
CA ALA A 137 25.48 -21.83 20.76
C ALA A 137 26.89 -22.05 21.30
N ASP A 138 27.16 -21.70 22.55
CA ASP A 138 28.47 -21.94 23.12
C ASP A 138 28.39 -22.15 24.63
N THR A 139 29.55 -22.35 25.25
CA THR A 139 29.55 -22.60 26.71
C THR A 139 29.00 -21.42 27.56
N ALA A 140 29.20 -20.18 27.14
CA ALA A 140 28.64 -19.00 27.85
C ALA A 140 27.09 -19.02 27.79
N ALA A 141 26.56 -19.25 26.59
CA ALA A 141 25.11 -19.30 26.39
C ALA A 141 24.49 -20.48 27.18
N LEU A 142 25.28 -21.51 27.47
CA LEU A 142 24.74 -22.59 28.29
C LEU A 142 24.37 -22.11 29.68
N ILE A 143 25.16 -21.18 30.20
CA ILE A 143 24.90 -20.69 31.48
C ILE A 143 23.54 -19.95 31.49
N THR A 144 23.36 -19.09 30.49
CA THR A 144 22.09 -18.45 30.23
C THR A 144 20.92 -19.41 30.07
N ARG A 145 21.13 -20.46 29.31
CA ARG A 145 20.11 -21.43 29.11
C ARG A 145 19.69 -22.05 30.40
N ARG A 146 20.62 -22.41 31.29
CA ARG A 146 20.20 -23.05 32.57
C ARG A 146 19.41 -22.06 33.46
N LYS A 147 19.85 -20.81 33.48
CA LYS A 147 19.14 -19.77 34.18
C LYS A 147 17.72 -19.63 33.63
N TRP A 148 17.55 -19.56 32.31
CA TRP A 148 16.23 -19.32 31.76
C TRP A 148 15.34 -20.55 31.89
N GLU A 149 15.93 -21.75 31.90
CA GLU A 149 15.16 -22.95 32.25
C GLU A 149 14.66 -22.88 33.70
N GLN A 150 15.57 -22.60 34.62
CA GLN A 150 15.19 -22.55 36.03
C GLN A 150 14.02 -21.57 36.21
N ALA A 151 14.10 -20.45 35.49
CA ALA A 151 13.20 -19.34 35.66
C ALA A 151 11.87 -19.56 34.97
N GLY A 152 11.86 -20.42 33.96
CA GLY A 152 10.63 -20.73 33.24
C GLY A 152 10.23 -19.64 32.24
N ASP A 153 11.17 -18.79 31.85
CA ASP A 153 10.86 -17.63 30.96
C ASP A 153 10.19 -17.95 29.64
N ALA A 154 10.47 -19.14 29.11
CA ALA A 154 9.84 -19.55 27.88
C ALA A 154 8.32 -19.49 27.97
N GLU A 155 7.75 -19.79 29.12
CA GLU A 155 6.29 -19.62 29.33
C GLU A 155 5.77 -18.22 29.06
N TYR A 156 6.54 -17.24 29.51
CA TYR A 156 6.20 -15.83 29.35
C TYR A 156 6.26 -15.47 27.85
N TYR A 157 7.34 -15.90 27.20
CA TYR A 157 7.51 -15.60 25.80
C TYR A 157 6.46 -16.29 24.98
N ARG A 158 6.18 -17.53 25.31
CA ARG A 158 5.21 -18.28 24.57
C ARG A 158 3.88 -17.56 24.65
N ALA A 159 3.52 -17.13 25.86
CA ALA A 159 2.27 -16.41 26.05
C ALA A 159 2.13 -15.17 25.13
N TYR A 160 3.15 -14.34 25.05
CA TYR A 160 3.19 -13.19 24.17
C TYR A 160 3.09 -13.59 22.70
N LEU A 161 3.88 -14.59 22.30
CA LEU A 161 4.00 -14.95 20.88
C LEU A 161 2.70 -15.56 20.33
N GLU A 162 1.97 -16.25 21.18
CA GLU A 162 0.66 -16.76 20.86
C GLU A 162 -0.23 -15.51 21.24
N GLY A 163 -1.49 -15.42 21.12
CA GLY A 163 -2.04 -14.14 21.72
C GLY A 163 -1.46 -12.78 21.28
N GLU A 164 -0.77 -12.02 22.15
CA GLU A 164 -0.41 -10.60 21.86
C GLU A 164 0.25 -10.22 20.50
N CYS A 165 1.34 -10.90 20.19
CA CYS A 165 2.04 -10.65 18.95
C CYS A 165 1.07 -10.70 17.78
N VAL A 166 0.29 -11.76 17.72
CA VAL A 166 -0.70 -11.97 16.65
C VAL A 166 -1.80 -10.91 16.62
N GLU A 167 -2.29 -10.53 17.79
CA GLU A 167 -3.32 -9.51 17.85
C GLU A 167 -2.83 -8.19 17.32
N TRP A 168 -1.61 -7.83 17.69
CA TRP A 168 -1.07 -6.55 17.22
C TRP A 168 -0.70 -6.57 15.73
N LEU A 169 -0.21 -7.72 15.28
CA LEU A 169 -0.03 -7.93 13.83
C LEU A 169 -1.37 -7.71 13.04
N ARG A 170 -2.47 -8.28 13.54
CA ARG A 170 -3.77 -8.15 12.86
C ARG A 170 -4.15 -6.69 12.80
N ARG A 171 -3.95 -5.98 13.92
CA ARG A 171 -4.25 -4.58 13.96
C ARG A 171 -3.42 -3.75 12.96
N TYR A 172 -2.11 -4.01 12.88
CA TYR A 172 -1.27 -3.30 11.94
C TYR A 172 -1.68 -3.51 10.48
N LEU A 173 -2.07 -4.73 10.15
CA LEU A 173 -2.47 -5.06 8.82
C LEU A 173 -3.73 -4.27 8.49
N GLU A 174 -4.61 -4.10 9.48
CA GLU A 174 -5.82 -3.26 9.29
C GLU A 174 -5.48 -1.77 9.15
N LEU A 175 -4.70 -1.24 10.06
CA LEU A 175 -4.34 0.16 9.99
C LEU A 175 -3.62 0.48 8.66
N GLY A 176 -2.80 -0.46 8.23
CA GLY A 176 -1.94 -0.29 7.03
C GLY A 176 -2.48 -0.98 5.77
N ASN A 177 -3.76 -1.32 5.77
CA ASN A 177 -4.20 -2.22 4.74
C ASN A 177 -4.00 -1.70 3.31
N GLU A 178 -4.05 -0.39 3.12
CA GLU A 178 -3.86 0.18 1.78
C GLU A 178 -2.45 -0.11 1.20
N THR A 179 -1.45 -0.21 2.06
CA THR A 179 -0.08 -0.49 1.64
C THR A 179 0.38 -1.91 2.00
N LEU A 180 -0.06 -2.48 3.11
CA LEU A 180 0.38 -3.82 3.47
C LEU A 180 -0.38 -4.95 2.78
N LEU A 181 -1.66 -4.73 2.49
CA LEU A 181 -2.48 -5.77 1.90
C LEU A 181 -2.57 -5.56 0.36
N ARG A 182 -1.45 -5.18 -0.22
CA ARG A 182 -1.36 -4.81 -1.62
C ARG A 182 -0.18 -5.50 -2.19
N THR A 183 -0.32 -6.02 -3.42
CA THR A 183 0.78 -6.69 -4.07
C THR A 183 1.05 -5.87 -5.33
N ASP A 184 2.34 -5.58 -5.59
CA ASP A 184 2.75 -4.95 -6.81
C ASP A 184 3.58 -5.94 -7.65
N SER A 185 3.02 -6.37 -8.79
CA SER A 185 3.73 -7.28 -9.74
C SER A 185 5.02 -6.67 -10.20
N PRO A 186 6.02 -7.50 -10.48
CA PRO A 186 7.19 -7.01 -11.18
C PRO A 186 6.91 -6.47 -12.58
N LYS A 187 7.47 -5.31 -12.85
CA LYS A 187 7.56 -4.77 -14.20
C LYS A 187 8.82 -5.45 -14.74
N ALA A 188 8.66 -6.25 -15.78
CA ALA A 188 9.75 -7.06 -16.26
C ALA A 188 10.14 -6.76 -17.72
N HIS A 189 11.45 -6.77 -17.97
CA HIS A 189 11.91 -6.70 -19.32
C HIS A 189 13.29 -7.30 -19.46
N VAL A 190 13.69 -7.52 -20.72
CA VAL A 190 15.01 -8.11 -21.05
C VAL A 190 15.81 -7.09 -21.83
N THR A 191 17.05 -6.88 -21.40
CA THR A 191 18.01 -6.04 -22.07
C THR A 191 19.11 -6.91 -22.73
N TYR A 192 19.74 -6.34 -23.76
CA TYR A 192 20.65 -7.01 -24.67
C TYR A 192 21.95 -6.27 -24.61
N HIS A 193 23.05 -6.98 -24.35
CA HIS A 193 24.33 -6.34 -24.19
C HIS A 193 25.38 -7.14 -24.98
N PRO A 194 25.97 -6.53 -26.03
CA PRO A 194 27.08 -7.15 -26.77
C PRO A 194 28.20 -7.63 -25.84
N ARG A 195 28.71 -8.82 -26.08
CA ARG A 195 29.83 -9.33 -25.30
C ARG A 195 31.02 -9.57 -26.23
N SER A 196 30.85 -10.41 -27.23
CA SER A 196 31.96 -10.65 -28.15
C SER A 196 31.34 -10.71 -29.53
N GLN A 197 32.11 -11.18 -30.52
CA GLN A 197 31.62 -11.35 -31.88
C GLN A 197 30.76 -12.61 -31.93
N VAL A 198 30.84 -13.46 -30.90
CA VAL A 198 30.05 -14.69 -30.86
C VAL A 198 28.95 -14.72 -29.78
N ASP A 199 28.99 -13.79 -28.84
CA ASP A 199 28.23 -13.90 -27.58
C ASP A 199 27.57 -12.61 -27.17
N VAL A 200 26.44 -12.73 -26.46
CA VAL A 200 25.84 -11.60 -25.84
C VAL A 200 25.20 -11.95 -24.49
N THR A 201 25.01 -10.92 -23.70
CA THR A 201 24.45 -11.12 -22.40
C THR A 201 23.00 -10.66 -22.47
N LEU A 202 22.08 -11.50 -22.03
CA LEU A 202 20.69 -11.10 -21.87
C LEU A 202 20.46 -10.93 -20.38
N ARG A 203 19.93 -9.77 -19.98
CA ARG A 203 19.64 -9.47 -18.57
C ARG A 203 18.11 -9.31 -18.39
N CYS A 204 17.55 -10.16 -17.53
CA CYS A 204 16.09 -10.12 -17.25
C CYS A 204 15.91 -9.34 -15.98
N TRP A 205 15.15 -8.25 -16.08
CA TRP A 205 14.90 -7.35 -14.98
C TRP A 205 13.50 -7.55 -14.40
N ALA A 206 13.42 -7.45 -13.07
CA ALA A 206 12.16 -7.42 -12.33
C ALA A 206 12.22 -6.17 -11.46
N LEU A 207 11.31 -5.24 -11.69
CA LEU A 207 11.37 -3.97 -11.00
C LEU A 207 10.02 -3.62 -10.35
N GLY A 208 10.10 -2.79 -9.32
CA GLY A 208 8.89 -2.24 -8.67
C GLY A 208 7.93 -3.25 -8.03
N PHE A 209 8.46 -4.34 -7.48
CA PHE A 209 7.61 -5.39 -6.93
C PHE A 209 7.58 -5.40 -5.38
N TYR A 210 6.48 -5.91 -4.86
CA TYR A 210 6.23 -6.07 -3.43
C TYR A 210 5.26 -7.18 -3.31
N PRO A 211 5.53 -8.15 -2.45
CA PRO A 211 6.64 -8.20 -1.46
C PRO A 211 7.95 -8.63 -2.11
N ALA A 212 9.00 -8.81 -1.30
CA ALA A 212 10.36 -9.00 -1.84
C ALA A 212 10.61 -10.39 -2.39
N ASP A 213 9.90 -11.41 -1.95
CA ASP A 213 10.14 -12.75 -2.46
C ASP A 213 9.83 -12.84 -3.97
N ILE A 214 10.76 -13.42 -4.72
CA ILE A 214 10.58 -13.52 -6.13
C ILE A 214 11.50 -14.61 -6.65
N THR A 215 11.07 -15.29 -7.72
CA THR A 215 11.94 -16.22 -8.44
C THR A 215 12.07 -15.69 -9.86
N LEU A 216 13.33 -15.54 -10.28
CA LEU A 216 13.69 -15.22 -11.66
C LEU A 216 14.55 -16.34 -12.16
N THR A 217 14.12 -17.02 -13.23
CA THR A 217 14.92 -18.08 -13.79
C THR A 217 14.95 -17.99 -15.34
N TRP A 218 16.06 -18.42 -15.92
CA TRP A 218 16.22 -18.53 -17.39
C TRP A 218 16.10 -19.98 -17.75
N GLN A 219 15.44 -20.24 -18.89
CA GLN A 219 15.32 -21.57 -19.43
C GLN A 219 15.62 -21.55 -20.93
N LEU A 220 15.74 -22.76 -21.46
CA LEU A 220 15.84 -23.04 -22.86
C LEU A 220 14.88 -24.21 -23.12
N ASN A 221 13.67 -23.89 -23.56
CA ASN A 221 12.61 -24.88 -23.78
C ASN A 221 12.28 -25.81 -22.59
N GLY A 222 12.15 -25.23 -21.40
CA GLY A 222 11.85 -25.99 -20.18
C GLY A 222 13.03 -26.75 -19.58
N GLU A 223 14.23 -26.41 -20.04
CA GLU A 223 15.45 -26.85 -19.40
C GLU A 223 15.81 -25.69 -18.49
N ASP A 224 15.84 -25.97 -17.19
CA ASP A 224 16.20 -25.00 -16.18
C ASP A 224 17.66 -24.61 -16.44
N LEU A 225 17.97 -23.30 -16.46
CA LEU A 225 19.35 -22.80 -16.51
C LEU A 225 19.82 -22.09 -15.24
N THR A 226 19.16 -22.35 -14.12
CA THR A 226 19.40 -21.58 -12.93
C THR A 226 20.85 -21.61 -12.55
N GLN A 227 21.49 -22.78 -12.53
CA GLN A 227 22.87 -22.78 -12.04
C GLN A 227 23.92 -22.16 -13.06
N ASP A 228 23.50 -21.82 -14.29
CA ASP A 228 24.34 -21.06 -15.25
C ASP A 228 24.11 -19.51 -15.30
N MET A 229 23.29 -18.98 -14.40
CA MET A 229 22.93 -17.54 -14.38
C MET A 229 23.86 -16.72 -13.56
N GLU A 230 23.94 -15.44 -13.89
CA GLU A 230 24.46 -14.46 -12.98
C GLU A 230 23.26 -13.77 -12.38
N LEU A 231 23.25 -13.58 -11.07
CA LEU A 231 22.10 -13.03 -10.34
C LEU A 231 22.65 -11.88 -9.53
N VAL A 232 21.76 -10.98 -9.11
CA VAL A 232 22.00 -10.13 -7.97
C VAL A 232 20.99 -10.43 -6.86
N GLU A 233 21.41 -10.13 -5.64
CA GLU A 233 20.50 -10.20 -4.49
C GLU A 233 19.35 -9.17 -4.67
N THR A 234 18.16 -9.58 -4.31
CA THR A 234 17.03 -8.68 -4.28
C THR A 234 17.38 -7.47 -3.46
N ARG A 235 17.03 -6.29 -3.97
CA ARG A 235 17.50 -5.03 -3.42
C ARG A 235 16.33 -4.05 -3.28
N PRO A 236 16.36 -3.20 -2.27
CA PRO A 236 15.27 -2.22 -2.15
C PRO A 236 15.41 -0.99 -3.03
N ALA A 237 14.32 -0.59 -3.67
CA ALA A 237 14.26 0.58 -4.53
C ALA A 237 14.25 1.90 -3.75
N GLY A 238 13.81 1.85 -2.50
CA GLY A 238 13.75 3.00 -1.62
C GLY A 238 12.32 3.52 -1.50
N ASP A 239 11.41 3.06 -2.35
CA ASP A 239 10.04 3.61 -2.38
C ASP A 239 9.04 2.60 -1.85
N GLY A 240 9.55 1.58 -1.17
CA GLY A 240 8.75 0.52 -0.67
C GLY A 240 8.66 -0.73 -1.53
N THR A 241 9.31 -0.71 -2.69
CA THR A 241 9.34 -1.84 -3.61
C THR A 241 10.78 -2.33 -3.78
N PHE A 242 10.91 -3.42 -4.54
CA PHE A 242 12.17 -4.14 -4.74
C PHE A 242 12.51 -4.40 -6.17
N GLN A 243 13.79 -4.76 -6.33
CA GLN A 243 14.41 -4.97 -7.65
C GLN A 243 15.19 -6.22 -7.65
N LYS A 244 15.24 -6.88 -8.81
CA LYS A 244 16.16 -7.95 -9.00
C LYS A 244 16.49 -8.10 -10.50
N TRP A 245 17.61 -8.72 -10.77
CA TRP A 245 17.95 -9.18 -12.12
C TRP A 245 18.69 -10.50 -12.19
N ALA A 246 18.55 -11.16 -13.34
CA ALA A 246 19.25 -12.43 -13.66
C ALA A 246 19.74 -12.34 -15.15
N ALA A 247 20.95 -12.77 -15.39
CA ALA A 247 21.57 -12.63 -16.67
C ALA A 247 22.22 -13.95 -17.13
N VAL A 248 22.23 -14.14 -18.44
CA VAL A 248 22.79 -15.33 -19.07
C VAL A 248 23.58 -14.86 -20.29
N VAL A 249 24.64 -15.58 -20.59
CA VAL A 249 25.41 -15.36 -21.81
C VAL A 249 24.95 -16.36 -22.86
N VAL A 250 24.54 -15.88 -24.02
CA VAL A 250 23.96 -16.76 -25.01
C VAL A 250 24.64 -16.50 -26.37
N PRO A 251 24.64 -17.51 -27.26
CA PRO A 251 25.22 -17.34 -28.57
C PRO A 251 24.44 -16.37 -29.45
N LEU A 252 25.16 -15.49 -30.16
CA LEU A 252 24.56 -14.72 -31.26
C LEU A 252 23.89 -15.66 -32.24
N GLY A 253 22.62 -15.37 -32.54
CA GLY A 253 21.80 -16.20 -33.43
C GLY A 253 20.74 -17.00 -32.68
N LYS A 254 20.90 -17.14 -31.37
CA LYS A 254 20.06 -18.05 -30.58
C LYS A 254 19.35 -17.35 -29.44
N GLU A 255 19.42 -16.03 -29.42
CA GLU A 255 18.92 -15.26 -28.26
C GLU A 255 17.46 -15.52 -27.97
N GLN A 256 16.67 -15.68 -29.02
CA GLN A 256 15.21 -15.75 -28.90
C GLN A 256 14.80 -17.10 -28.33
N ASN A 257 15.71 -18.07 -28.37
CA ASN A 257 15.42 -19.39 -27.84
C ASN A 257 15.34 -19.40 -26.31
N TYR A 258 15.88 -18.37 -25.65
CA TYR A 258 16.00 -18.35 -24.18
C TYR A 258 14.83 -17.59 -23.59
N THR A 259 14.29 -18.06 -22.45
CA THR A 259 13.17 -17.39 -21.83
C THR A 259 13.47 -17.15 -20.38
N CYS A 260 13.05 -15.99 -19.92
CA CYS A 260 13.10 -15.62 -18.52
C CYS A 260 11.71 -15.77 -17.90
N HIS A 261 11.68 -16.41 -16.73
CA HIS A 261 10.46 -16.75 -16.05
C HIS A 261 10.48 -16.12 -14.71
N VAL A 262 9.35 -15.49 -14.36
CA VAL A 262 9.19 -14.68 -13.19
C VAL A 262 7.99 -15.18 -12.39
N HIS A 263 8.27 -15.51 -11.14
CA HIS A 263 7.28 -16.00 -10.22
C HIS A 263 7.20 -15.02 -9.08
N HIS A 264 5.96 -14.65 -8.69
CA HIS A 264 5.75 -13.62 -7.69
C HIS A 264 4.32 -13.68 -7.20
N LYS A 265 4.12 -13.36 -5.93
CA LYS A 265 2.77 -13.37 -5.32
C LYS A 265 1.73 -12.63 -6.19
N GLY A 266 2.17 -11.52 -6.77
CA GLY A 266 1.38 -10.66 -7.64
C GLY A 266 1.01 -11.22 -9.00
N LEU A 267 1.63 -12.31 -9.39
CA LEU A 267 1.33 -12.96 -10.65
C LEU A 267 0.52 -14.22 -10.41
N PRO A 268 -0.73 -14.21 -10.84
CA PRO A 268 -1.47 -15.47 -10.88
C PRO A 268 -0.79 -16.49 -11.80
N GLU A 269 -0.21 -16.03 -12.90
CA GLU A 269 0.49 -16.92 -13.80
C GLU A 269 1.93 -16.37 -13.89
N PRO A 270 2.94 -17.24 -13.85
CA PRO A 270 4.26 -16.71 -13.99
C PRO A 270 4.47 -16.02 -15.32
N LEU A 271 5.31 -15.00 -15.35
CA LEU A 271 5.62 -14.29 -16.59
C LEU A 271 6.69 -15.08 -17.34
N THR A 272 6.56 -15.10 -18.64
CA THR A 272 7.58 -15.64 -19.53
C THR A 272 7.97 -14.54 -20.50
N LEU A 273 9.24 -14.13 -20.51
CA LEU A 273 9.71 -13.11 -21.43
C LEU A 273 10.92 -13.56 -22.24
N ARG A 274 11.09 -12.92 -23.38
CA ARG A 274 12.28 -13.08 -24.21
C ARG A 274 12.84 -11.78 -24.70
N TRP A 275 14.01 -11.89 -25.31
CA TRP A 275 14.44 -10.87 -26.22
C TRP A 275 13.60 -10.96 -27.49
N LYS A 276 12.50 -10.21 -27.48
CA LYS A 276 11.64 -10.00 -28.64
C LYS A 276 11.17 -8.57 -28.47
N PRO A 277 12.04 -7.60 -28.80
CA PRO A 277 11.89 -6.17 -28.48
C PRO A 277 10.45 -5.72 -28.05
N MET B 1 33.24 -14.21 18.23
CA MET B 1 33.20 -13.00 17.42
C MET B 1 33.24 -13.44 15.95
N ILE B 2 32.33 -12.89 15.18
CA ILE B 2 32.35 -13.06 13.74
C ILE B 2 32.37 -11.70 13.07
N GLN B 3 33.28 -11.53 12.09
CA GLN B 3 33.32 -10.34 11.28
C GLN B 3 32.94 -10.71 9.88
N ARG B 4 32.16 -9.81 9.23
CA ARG B 4 31.63 -10.05 7.90
C ARG B 4 31.85 -8.80 7.04
N THR B 5 32.40 -8.97 5.83
CA THR B 5 32.75 -7.77 5.01
C THR B 5 31.54 -7.49 4.10
N PRO B 6 31.19 -6.21 3.97
CA PRO B 6 29.98 -5.81 3.27
C PRO B 6 29.94 -6.18 1.79
N LYS B 7 28.75 -6.52 1.30
CA LYS B 7 28.49 -6.53 -0.11
C LYS B 7 27.86 -5.16 -0.48
N ILE B 8 28.11 -4.69 -1.71
CA ILE B 8 27.67 -3.34 -2.12
C ILE B 8 26.99 -3.42 -3.46
N GLN B 9 25.78 -2.84 -3.57
CA GLN B 9 25.15 -2.68 -4.91
C GLN B 9 24.84 -1.21 -5.10
N VAL B 10 25.15 -0.68 -6.28
CA VAL B 10 24.89 0.72 -6.57
C VAL B 10 23.99 0.76 -7.80
N TYR B 11 22.84 1.45 -7.70
CA TYR B 11 21.78 1.40 -8.66
C TYR B 11 20.78 2.54 -8.44
N SER B 12 20.01 2.79 -9.47
CA SER B 12 19.01 3.86 -9.43
C SER B 12 17.64 3.26 -9.08
N ARG B 13 16.80 4.08 -8.46
CA ARG B 13 15.43 3.67 -8.16
C ARG B 13 14.64 3.33 -9.42
N HIS B 14 14.67 4.20 -10.41
CA HIS B 14 14.02 3.95 -11.68
C HIS B 14 15.07 3.87 -12.74
N PRO B 15 14.73 3.33 -13.91
CA PRO B 15 15.68 3.35 -15.05
C PRO B 15 16.16 4.74 -15.36
N ALA B 16 17.47 4.89 -15.54
CA ALA B 16 18.06 6.19 -15.67
C ALA B 16 17.67 6.83 -17.03
N GLU B 17 17.33 8.10 -16.97
CA GLU B 17 17.05 8.87 -18.17
C GLU B 17 17.78 10.13 -17.99
N ASN B 18 18.69 10.39 -18.91
CA ASN B 18 19.46 11.63 -18.86
C ASN B 18 18.56 12.85 -18.67
N GLY B 19 18.86 13.63 -17.63
CA GLY B 19 18.14 14.87 -17.37
C GLY B 19 16.82 14.72 -16.64
N LYS B 20 16.51 13.50 -16.21
CA LYS B 20 15.32 13.29 -15.43
C LYS B 20 15.64 12.87 -13.96
N SER B 21 14.98 13.57 -13.05
CA SER B 21 15.12 13.36 -11.62
C SER B 21 14.86 11.91 -11.23
N ASN B 22 15.58 11.44 -10.22
CA ASN B 22 15.68 10.01 -9.87
C ASN B 22 16.29 9.90 -8.48
N PHE B 23 16.54 8.67 -8.01
CA PHE B 23 17.21 8.38 -6.77
C PHE B 23 18.38 7.41 -7.00
N LEU B 24 19.54 7.76 -6.47
CA LEU B 24 20.75 6.91 -6.50
C LEU B 24 20.84 6.18 -5.15
N ASN B 25 20.91 4.86 -5.21
CA ASN B 25 20.93 3.96 -4.05
C ASN B 25 22.24 3.26 -3.93
N CYS B 26 22.71 3.09 -2.70
CA CYS B 26 23.82 2.21 -2.38
C CYS B 26 23.37 1.33 -1.25
N TYR B 27 23.19 0.07 -1.58
CA TYR B 27 22.70 -0.90 -0.67
C TYR B 27 23.89 -1.73 -0.18
N VAL B 28 24.11 -1.62 1.13
CA VAL B 28 25.24 -2.29 1.81
C VAL B 28 24.69 -3.31 2.77
N SER B 29 25.13 -4.54 2.63
CA SER B 29 24.55 -5.66 3.34
C SER B 29 25.58 -6.72 3.66
N GLY B 30 25.19 -7.67 4.51
CA GLY B 30 26.06 -8.74 4.92
C GLY B 30 27.27 -8.34 5.76
N PHE B 31 27.19 -7.27 6.51
CA PHE B 31 28.33 -6.87 7.29
C PHE B 31 28.17 -7.03 8.79
N HIS B 32 29.30 -7.12 9.48
CA HIS B 32 29.35 -7.16 10.95
C HIS B 32 30.76 -6.83 11.34
N PRO B 33 30.99 -5.92 12.28
CA PRO B 33 29.95 -5.24 13.10
C PRO B 33 29.25 -4.11 12.36
N SER B 34 28.35 -3.39 13.05
CA SER B 34 27.44 -2.44 12.40
C SER B 34 28.07 -1.11 12.06
N ASP B 35 29.12 -0.76 12.76
CA ASP B 35 29.87 0.45 12.46
C ASP B 35 30.39 0.51 10.99
N ILE B 36 30.03 1.55 10.24
CA ILE B 36 30.29 1.60 8.77
C ILE B 36 30.14 3.03 8.26
N GLU B 37 30.98 3.42 7.30
CA GLU B 37 30.92 4.76 6.68
C GLU B 37 30.61 4.55 5.23
N VAL B 38 29.58 5.24 4.74
CA VAL B 38 29.21 5.12 3.36
C VAL B 38 29.04 6.53 2.86
N ASP B 39 29.57 6.82 1.68
CA ASP B 39 29.08 7.98 1.00
C ASP B 39 28.95 7.83 -0.49
N LEU B 40 28.14 8.72 -1.04
CA LEU B 40 27.79 8.63 -2.41
C LEU B 40 28.62 9.70 -3.06
N LEU B 41 29.14 9.40 -4.23
CA LEU B 41 30.07 10.24 -4.93
C LEU B 41 29.53 10.67 -6.30
N LYS B 42 29.73 11.93 -6.66
CA LYS B 42 29.48 12.40 -8.00
C LYS B 42 30.77 12.93 -8.51
N ASN B 43 31.28 12.34 -9.58
CA ASN B 43 32.59 12.74 -10.08
C ASN B 43 33.61 12.77 -8.91
N GLY B 44 33.71 11.65 -8.19
CA GLY B 44 34.66 11.52 -7.09
C GLY B 44 34.37 12.36 -5.86
N GLU B 45 33.32 13.19 -5.90
CA GLU B 45 33.04 14.22 -4.90
C GLU B 45 31.88 13.79 -4.05
N ARG B 46 31.99 13.97 -2.73
CA ARG B 46 31.00 13.37 -1.82
C ARG B 46 29.69 14.18 -1.88
N ILE B 47 28.58 13.49 -2.06
CA ILE B 47 27.33 14.24 -2.17
C ILE B 47 26.76 14.56 -0.76
N GLU B 48 26.32 15.80 -0.64
CA GLU B 48 26.07 16.46 0.63
C GLU B 48 24.91 15.89 1.43
N LYS B 49 23.78 15.66 0.77
CA LYS B 49 22.56 15.30 1.46
C LYS B 49 22.12 13.93 1.02
N VAL B 50 22.73 12.97 1.67
CA VAL B 50 22.43 11.57 1.55
C VAL B 50 21.75 11.06 2.78
N GLU B 51 20.73 10.24 2.62
CA GLU B 51 19.98 9.71 3.75
C GLU B 51 20.23 8.23 3.82
N HIS B 52 19.95 7.64 4.97
CA HIS B 52 19.95 6.17 5.05
C HIS B 52 18.84 5.58 5.90
N SER B 53 18.55 4.31 5.62
CA SER B 53 17.54 3.58 6.33
C SER B 53 17.99 3.32 7.79
N ASP B 54 17.07 2.83 8.60
CA ASP B 54 17.35 2.49 9.98
C ASP B 54 18.04 1.13 10.00
N LEU B 55 19.05 1.00 10.88
CA LEU B 55 19.83 -0.21 10.98
C LEU B 55 18.98 -1.42 11.24
N SER B 56 19.12 -2.42 10.37
CA SER B 56 18.45 -3.72 10.55
C SER B 56 19.41 -4.82 10.12
N PHE B 57 18.95 -6.06 10.18
CA PHE B 57 19.80 -7.21 9.95
C PHE B 57 19.00 -8.39 9.47
N SER B 58 19.71 -9.34 8.88
CA SER B 58 19.14 -10.47 8.19
C SER B 58 19.09 -11.72 9.09
N LYS B 59 18.60 -12.84 8.56
CA LYS B 59 18.46 -14.07 9.32
C LYS B 59 19.79 -14.54 9.87
N ASP B 60 20.90 -14.25 9.19
CA ASP B 60 22.22 -14.64 9.69
C ASP B 60 22.88 -13.59 10.57
N TRP B 61 22.10 -12.61 11.00
CA TRP B 61 22.55 -11.53 11.88
C TRP B 61 23.44 -10.48 11.25
N SER B 62 23.82 -10.64 9.98
CA SER B 62 24.52 -9.57 9.32
C SER B 62 23.63 -8.37 9.02
N PHE B 63 24.19 -7.18 9.18
CA PHE B 63 23.48 -5.93 9.04
C PHE B 63 23.28 -5.49 7.57
N TYR B 64 22.24 -4.70 7.35
CA TYR B 64 22.08 -3.98 6.06
C TYR B 64 21.56 -2.57 6.21
N LEU B 65 21.90 -1.73 5.23
CA LEU B 65 21.52 -0.32 5.20
C LEU B 65 21.38 0.07 3.74
N LEU B 66 20.41 0.90 3.48
CA LEU B 66 20.29 1.60 2.18
C LEU B 66 20.66 3.06 2.31
N TYR B 67 21.67 3.51 1.57
CA TYR B 67 21.99 4.92 1.52
C TYR B 67 21.43 5.45 0.19
N TYR B 68 20.88 6.65 0.17
CA TYR B 68 20.22 7.18 -1.05
C TYR B 68 20.19 8.66 -1.14
N THR B 69 20.04 9.16 -2.35
CA THR B 69 19.90 10.56 -2.56
C THR B 69 19.18 10.81 -3.87
N GLU B 70 18.50 11.94 -3.94
CA GLU B 70 17.94 12.43 -5.20
C GLU B 70 19.09 12.77 -6.12
N PHE B 71 18.94 12.44 -7.38
CA PHE B 71 19.86 12.92 -8.37
C PHE B 71 19.22 12.99 -9.74
N THR B 72 19.92 13.67 -10.64
CA THR B 72 19.53 13.76 -12.03
C THR B 72 20.73 13.32 -12.85
N PRO B 73 20.68 12.08 -13.36
CA PRO B 73 21.82 11.59 -14.11
C PRO B 73 21.90 12.25 -15.47
N THR B 74 23.12 12.43 -15.97
CA THR B 74 23.40 12.99 -17.30
C THR B 74 24.34 12.07 -17.99
N GLU B 75 24.60 12.35 -19.25
CA GLU B 75 25.51 11.52 -20.01
C GLU B 75 26.93 11.65 -19.46
N LYS B 76 27.32 12.84 -18.99
CA LYS B 76 28.73 13.10 -18.61
C LYS B 76 29.15 12.72 -17.16
N ASP B 77 28.20 12.70 -16.22
CA ASP B 77 28.56 12.59 -14.80
C ASP B 77 28.74 11.17 -14.40
N GLU B 78 29.70 10.94 -13.49
CA GLU B 78 30.01 9.62 -12.96
C GLU B 78 29.52 9.54 -11.51
N TYR B 79 28.86 8.45 -11.13
CA TYR B 79 28.49 8.28 -9.69
C TYR B 79 29.08 7.02 -9.12
N ALA B 80 29.23 7.00 -7.80
CA ALA B 80 29.77 5.81 -7.11
C ALA B 80 29.38 5.77 -5.64
N CYS B 81 29.61 4.61 -5.04
CA CYS B 81 29.46 4.43 -3.60
C CYS B 81 30.81 4.06 -3.01
N ARG B 82 31.20 4.76 -1.94
CA ARG B 82 32.46 4.51 -1.25
C ARG B 82 32.17 4.01 0.18
N VAL B 83 32.74 2.86 0.54
CA VAL B 83 32.42 2.22 1.78
C VAL B 83 33.66 1.91 2.60
N ASN B 84 33.59 2.24 3.89
CA ASN B 84 34.66 1.92 4.81
C ASN B 84 34.15 1.15 6.00
N HIS B 85 34.88 0.13 6.39
CA HIS B 85 34.42 -0.80 7.42
C HIS B 85 35.68 -1.44 7.99
N VAL B 86 35.60 -1.94 9.22
CA VAL B 86 36.80 -2.58 9.86
C VAL B 86 37.38 -3.73 9.02
N THR B 87 36.53 -4.45 8.28
CA THR B 87 36.98 -5.57 7.47
C THR B 87 37.72 -5.15 6.20
N LEU B 88 37.71 -3.86 5.86
CA LEU B 88 38.34 -3.36 4.62
C LEU B 88 39.64 -2.65 4.91
N SER B 89 40.72 -3.08 4.26
CA SER B 89 42.00 -2.46 4.46
C SER B 89 42.03 -1.05 3.89
N GLN B 90 41.18 -0.74 2.93
CA GLN B 90 41.08 0.64 2.48
C GLN B 90 39.67 0.77 1.96
N PRO B 91 39.15 2.01 1.84
CA PRO B 91 37.75 2.10 1.40
C PRO B 91 37.51 1.48 0.04
N LYS B 92 36.35 0.88 -0.11
CA LYS B 92 35.97 0.23 -1.34
C LYS B 92 35.08 1.18 -2.16
N ILE B 93 35.42 1.42 -3.42
CA ILE B 93 34.59 2.26 -4.31
C ILE B 93 33.92 1.35 -5.35
N VAL B 94 32.58 1.44 -5.46
CA VAL B 94 31.83 0.77 -6.50
C VAL B 94 31.13 1.80 -7.37
N LYS B 95 31.41 1.73 -8.67
CA LYS B 95 30.87 2.71 -9.62
C LYS B 95 29.45 2.33 -9.99
N TRP B 96 28.62 3.34 -10.18
CA TRP B 96 27.28 3.12 -10.67
C TRP B 96 27.35 2.77 -12.17
N ASP B 97 26.73 1.66 -12.56
CA ASP B 97 26.51 1.30 -13.96
C ASP B 97 24.99 1.24 -14.25
N ARG B 98 24.50 2.14 -15.12
CA ARG B 98 23.07 2.24 -15.45
C ARG B 98 22.34 0.95 -15.77
N ASP B 99 23.06 -0.03 -16.26
CA ASP B 99 22.53 -1.30 -16.73
C ASP B 99 22.71 -2.46 -15.71
N MET B 100 23.02 -2.12 -14.46
CA MET B 100 23.15 -3.14 -13.41
C MET B 100 22.52 -2.75 -12.03
N LEU C 1 2.20 -5.14 21.74
CA LEU C 1 3.28 -4.14 21.94
C LEU C 1 4.66 -4.81 22.01
N TYR C 2 5.69 -3.99 21.93
CA TYR C 2 7.03 -4.47 22.05
C TYR C 2 7.23 -5.40 23.29
N LEU C 3 7.77 -6.60 23.06
CA LEU C 3 8.08 -7.54 24.17
C LEU C 3 9.30 -7.13 24.99
N VAL C 4 9.12 -6.88 26.27
CA VAL C 4 10.24 -6.61 27.15
C VAL C 4 10.83 -7.90 27.66
N CYS C 5 12.14 -8.06 27.55
CA CYS C 5 12.79 -9.36 27.93
C CYS C 5 12.62 -9.62 29.42
N GLY C 6 12.68 -10.90 29.78
CA GLY C 6 12.61 -11.31 31.15
C GLY C 6 13.94 -11.29 31.90
N GLU C 7 14.30 -12.46 32.41
CA GLU C 7 15.55 -12.62 33.11
C GLU C 7 16.65 -12.22 32.15
N ARG C 8 17.67 -11.63 32.68
CA ARG C 8 18.81 -11.21 31.84
C ARG C 8 19.73 -12.40 31.59
N VAL C 9 20.76 -12.18 30.75
CA VAL C 9 21.62 -13.26 30.36
C VAL C 9 22.44 -13.86 31.51
N MET D 1 -22.62 27.77 -4.53
CA MET D 1 -22.06 28.13 -3.21
C MET D 1 -20.53 27.96 -3.05
N GLY D 2 -19.88 27.01 -3.77
CA GLY D 2 -18.36 26.73 -3.75
C GLY D 2 -17.81 26.21 -5.10
N PRO D 3 -16.66 25.45 -5.11
CA PRO D 3 -16.25 24.70 -6.34
C PRO D 3 -17.12 23.51 -6.71
N HIS D 4 -17.05 23.10 -7.98
CA HIS D 4 -17.79 21.96 -8.51
C HIS D 4 -16.93 21.16 -9.45
N SER D 5 -17.35 19.94 -9.80
CA SER D 5 -16.61 19.10 -10.71
C SER D 5 -17.50 18.30 -11.66
N LEU D 6 -17.00 18.09 -12.86
CA LEU D 6 -17.58 17.14 -13.79
C LEU D 6 -16.51 16.13 -14.08
N ARG D 7 -16.76 14.83 -13.84
CA ARG D 7 -15.72 13.80 -13.93
C ARG D 7 -16.29 12.58 -14.53
N TYR D 8 -15.51 11.92 -15.36
CA TYR D 8 -15.89 10.59 -15.83
C TYR D 8 -14.82 9.57 -15.47
N PHE D 9 -15.31 8.37 -15.14
CA PHE D 9 -14.46 7.27 -14.76
C PHE D 9 -14.79 6.10 -15.63
N VAL D 10 -13.78 5.74 -16.41
CA VAL D 10 -13.94 4.80 -17.50
C VAL D 10 -13.08 3.54 -17.24
N THR D 11 -13.64 2.33 -17.37
CA THR D 11 -12.89 1.10 -17.13
C THR D 11 -13.14 0.15 -18.32
N ALA D 12 -12.08 -0.38 -18.95
CA ALA D 12 -12.23 -1.41 -19.95
C ALA D 12 -11.42 -2.61 -19.49
N VAL D 13 -12.01 -3.78 -19.50
CA VAL D 13 -11.31 -4.95 -19.06
C VAL D 13 -11.40 -6.04 -20.13
N SER D 14 -10.24 -6.53 -20.60
CA SER D 14 -10.28 -7.62 -21.56
C SER D 14 -10.67 -8.95 -20.94
N ARG D 15 -11.25 -9.83 -21.76
CA ARG D 15 -11.65 -11.15 -21.35
C ARG D 15 -11.30 -12.09 -22.50
N PRO D 16 -10.01 -12.25 -22.73
CA PRO D 16 -9.59 -13.00 -23.89
C PRO D 16 -10.24 -14.36 -23.92
N GLY D 17 -10.73 -14.75 -25.08
CA GLY D 17 -11.39 -16.03 -25.23
C GLY D 17 -12.87 -16.09 -24.85
N LEU D 18 -13.36 -15.03 -24.18
CA LEU D 18 -14.77 -14.92 -23.86
C LEU D 18 -15.36 -13.73 -24.64
N GLY D 19 -14.70 -13.28 -25.71
CA GLY D 19 -15.20 -12.17 -26.51
C GLY D 19 -14.56 -10.83 -26.20
N GLU D 20 -15.32 -9.79 -26.42
CA GLU D 20 -14.80 -8.43 -26.42
C GLU D 20 -14.63 -7.88 -25.02
N PRO D 21 -13.84 -6.82 -24.84
CA PRO D 21 -13.68 -6.29 -23.49
C PRO D 21 -14.94 -5.71 -22.89
N ARG D 22 -15.10 -5.84 -21.58
CA ARG D 22 -16.08 -5.09 -20.87
C ARG D 22 -15.71 -3.62 -20.88
N PHE D 23 -16.64 -2.74 -21.31
CA PHE D 23 -16.38 -1.29 -21.27
C PHE D 23 -17.51 -0.64 -20.44
N ILE D 24 -17.10 0.16 -19.44
CA ILE D 24 -17.97 0.85 -18.48
C ILE D 24 -17.53 2.29 -18.30
N ALA D 25 -18.46 3.24 -18.40
CA ALA D 25 -18.14 4.63 -18.17
C ALA D 25 -19.20 5.16 -17.24
N VAL D 26 -18.77 5.95 -16.26
CA VAL D 26 -19.69 6.51 -15.34
C VAL D 26 -19.36 7.98 -15.21
N GLY D 27 -20.41 8.83 -15.11
CA GLY D 27 -20.19 10.25 -14.93
C GLY D 27 -20.71 10.73 -13.58
N TYR D 28 -20.02 11.73 -13.03
CA TYR D 28 -20.36 12.33 -11.76
C TYR D 28 -20.32 13.84 -11.93
N VAL D 29 -21.31 14.50 -11.35
CA VAL D 29 -21.29 15.91 -11.04
C VAL D 29 -21.12 16.00 -9.53
N ASP D 30 -20.04 16.66 -9.09
CA ASP D 30 -19.62 16.65 -7.69
C ASP D 30 -19.65 15.20 -7.18
N ASP D 31 -20.44 14.92 -6.14
CA ASP D 31 -20.44 13.59 -5.56
C ASP D 31 -21.67 12.78 -6.00
N THR D 32 -22.26 13.14 -7.15
CA THR D 32 -23.50 12.57 -7.57
C THR D 32 -23.31 11.93 -8.93
N GLN D 33 -23.50 10.63 -8.98
CA GLN D 33 -23.43 9.99 -10.28
C GLN D 33 -24.64 10.41 -11.09
N PHE D 34 -24.45 10.71 -12.39
CA PHE D 34 -25.58 11.16 -13.24
C PHE D 34 -25.80 10.40 -14.52
N VAL D 35 -24.77 9.70 -15.01
CA VAL D 35 -24.88 8.87 -16.22
C VAL D 35 -24.01 7.62 -16.20
N ARG D 36 -24.41 6.63 -16.96
CA ARG D 36 -23.57 5.50 -17.24
C ARG D 36 -23.76 4.90 -18.59
N PHE D 37 -22.75 4.12 -18.97
CA PHE D 37 -22.77 3.26 -20.13
C PHE D 37 -22.09 1.98 -19.76
N ASP D 38 -22.69 0.86 -20.12
CA ASP D 38 -22.12 -0.46 -19.94
C ASP D 38 -22.29 -1.32 -21.21
N SER D 39 -21.15 -1.75 -21.78
CA SER D 39 -21.11 -2.56 -22.98
C SER D 39 -21.84 -3.86 -22.86
N ASP D 40 -21.98 -4.35 -21.64
CA ASP D 40 -22.64 -5.62 -21.46
C ASP D 40 -24.12 -5.60 -21.40
N ALA D 41 -24.75 -4.45 -21.43
CA ALA D 41 -26.17 -4.42 -21.74
C ALA D 41 -26.36 -5.00 -23.16
N ASP D 42 -27.48 -5.66 -23.38
CA ASP D 42 -27.93 -5.95 -24.74
C ASP D 42 -28.57 -4.63 -25.19
N ASN D 43 -28.19 -4.14 -26.36
CA ASN D 43 -28.59 -2.78 -26.72
C ASN D 43 -28.09 -1.79 -25.65
N PRO D 44 -26.77 -1.65 -25.52
CA PRO D 44 -26.17 -0.68 -24.59
C PRO D 44 -26.29 0.75 -25.08
N ARG D 45 -26.61 1.65 -24.14
CA ARG D 45 -26.79 3.06 -24.40
C ARG D 45 -26.33 3.83 -23.22
N PHE D 46 -25.92 5.08 -23.44
CA PHE D 46 -25.74 5.98 -22.35
C PHE D 46 -27.11 6.21 -21.73
N GLU D 47 -27.16 6.12 -20.41
CA GLU D 47 -28.41 6.22 -19.64
C GLU D 47 -28.27 7.20 -18.51
N PRO D 48 -29.37 7.87 -18.17
CA PRO D 48 -29.33 8.70 -16.98
C PRO D 48 -29.24 7.83 -15.75
N ARG D 49 -28.58 8.31 -14.71
CA ARG D 49 -28.59 7.60 -13.41
C ARG D 49 -29.00 8.53 -12.28
N ALA D 50 -29.66 9.62 -12.61
CA ALA D 50 -30.23 10.52 -11.63
C ALA D 50 -31.52 10.99 -12.29
N PRO D 51 -32.59 11.19 -11.51
CA PRO D 51 -33.88 11.55 -12.12
C PRO D 51 -33.83 12.85 -12.93
N TRP D 52 -33.06 13.82 -12.46
CA TRP D 52 -33.02 15.12 -13.13
C TRP D 52 -32.41 15.06 -14.52
N MET D 53 -31.63 14.01 -14.79
CA MET D 53 -31.06 13.84 -16.13
C MET D 53 -32.01 13.40 -17.16
N GLU D 54 -33.19 12.96 -16.73
CA GLU D 54 -34.26 12.64 -17.68
C GLU D 54 -34.71 13.85 -18.47
N GLN D 55 -34.32 15.04 -18.02
CA GLN D 55 -34.58 16.27 -18.75
C GLN D 55 -33.78 16.45 -20.07
N GLU D 56 -32.66 15.73 -20.25
CA GLU D 56 -31.99 15.78 -21.57
C GLU D 56 -32.79 14.97 -22.55
N GLY D 57 -32.88 15.50 -23.77
CA GLY D 57 -33.72 14.90 -24.83
C GLY D 57 -32.97 13.87 -25.69
N PRO D 58 -33.67 13.25 -26.64
CA PRO D 58 -33.23 12.10 -27.44
C PRO D 58 -31.88 12.32 -28.09
N GLU D 59 -31.66 13.53 -28.58
CA GLU D 59 -30.41 13.86 -29.29
C GLU D 59 -29.20 13.71 -28.36
N TYR D 60 -29.31 14.22 -27.14
CA TYR D 60 -28.25 14.06 -26.15
C TYR D 60 -27.89 12.59 -25.97
N TRP D 61 -28.89 11.75 -25.74
CA TRP D 61 -28.66 10.33 -25.47
C TRP D 61 -28.11 9.59 -26.70
N GLU D 62 -28.58 9.98 -27.89
CA GLU D 62 -28.13 9.34 -29.12
C GLU D 62 -26.67 9.67 -29.37
N GLU D 63 -26.34 10.94 -29.23
N GLU D 63 -26.33 10.94 -29.29
CA GLU D 63 -24.99 11.40 -29.45
CA GLU D 63 -24.95 11.36 -29.52
C GLU D 63 -24.02 10.82 -28.46
C GLU D 63 -24.03 10.76 -28.47
N GLN D 64 -24.42 10.82 -27.19
CA GLN D 64 -23.62 10.19 -26.15
C GLN D 64 -23.37 8.69 -26.38
N THR D 65 -24.40 7.92 -26.77
CA THR D 65 -24.17 6.49 -27.01
C THR D 65 -23.20 6.29 -28.18
N GLN D 66 -23.32 7.09 -29.23
CA GLN D 66 -22.33 7.03 -30.35
C GLN D 66 -20.93 7.27 -29.88
N ARG D 67 -20.80 8.26 -29.01
CA ARG D 67 -19.48 8.60 -28.45
C ARG D 67 -18.90 7.46 -27.60
N ALA D 68 -19.73 6.87 -26.75
CA ALA D 68 -19.32 5.67 -25.96
C ALA D 68 -18.93 4.46 -26.81
N LYS D 69 -19.72 4.21 -27.84
CA LYS D 69 -19.39 3.16 -28.78
C LYS D 69 -18.08 3.41 -29.49
N SER D 70 -17.77 4.66 -29.79
CA SER D 70 -16.50 4.95 -30.44
C SER D 70 -15.33 4.65 -29.50
N ASP D 71 -15.47 5.08 -28.25
CA ASP D 71 -14.46 4.86 -27.23
C ASP D 71 -14.34 3.39 -26.84
N GLU D 72 -15.43 2.65 -26.93
CA GLU D 72 -15.37 1.22 -26.75
C GLU D 72 -14.39 0.63 -27.76
N GLN D 73 -14.53 1.01 -29.01
CA GLN D 73 -13.56 0.65 -30.07
C GLN D 73 -12.13 1.03 -29.74
N TRP D 74 -11.98 2.27 -29.31
CA TRP D 74 -10.68 2.82 -28.95
C TRP D 74 -9.98 1.96 -27.92
N PHE D 75 -10.73 1.57 -26.88
CA PHE D 75 -10.16 0.69 -25.83
C PHE D 75 -9.92 -0.74 -26.31
N ARG D 76 -10.77 -1.30 -27.19
CA ARG D 76 -10.44 -2.58 -27.80
C ARG D 76 -9.06 -2.53 -28.47
N VAL D 77 -8.82 -1.46 -29.26
CA VAL D 77 -7.61 -1.30 -29.97
C VAL D 77 -6.43 -1.03 -29.02
N SER D 78 -6.64 -0.16 -28.07
CA SER D 78 -5.59 0.23 -27.16
C SER D 78 -5.22 -0.88 -26.18
N LEU D 79 -6.19 -1.74 -25.83
CA LEU D 79 -5.86 -2.91 -25.00
C LEU D 79 -4.98 -3.91 -25.76
N ARG D 80 -5.29 -4.13 -27.04
CA ARG D 80 -4.51 -5.02 -27.88
C ARG D 80 -3.11 -4.46 -28.03
N THR D 81 -3.00 -3.14 -28.21
CA THR D 81 -1.71 -2.48 -28.38
C THR D 81 -0.83 -2.59 -27.10
N ALA D 82 -1.42 -2.34 -25.96
CA ALA D 82 -0.71 -2.39 -24.69
C ALA D 82 -0.14 -3.79 -24.41
N GLN D 83 -0.93 -4.80 -24.72
CA GLN D 83 -0.53 -6.17 -24.57
C GLN D 83 0.71 -6.48 -25.41
N ARG D 84 0.77 -5.91 -26.62
CA ARG D 84 1.97 -6.00 -27.46
C ARG D 84 3.10 -5.13 -26.91
N TYR D 85 2.81 -3.92 -26.41
CA TYR D 85 3.85 -3.08 -25.78
C TYR D 85 4.58 -3.77 -24.63
N TYR D 86 3.84 -4.57 -23.87
CA TYR D 86 4.39 -5.24 -22.72
C TYR D 86 4.72 -6.72 -22.95
N ASN D 87 4.62 -7.18 -24.17
CA ASN D 87 4.75 -8.60 -24.51
C ASN D 87 3.95 -9.55 -23.57
N GLN D 88 2.69 -9.22 -23.30
CA GLN D 88 1.87 -10.03 -22.45
C GLN D 88 1.22 -11.13 -23.27
N SER D 89 0.91 -12.25 -22.65
CA SER D 89 0.21 -13.30 -23.35
C SER D 89 -1.20 -12.85 -23.74
N LYS D 90 -1.73 -13.51 -24.76
CA LYS D 90 -3.01 -13.15 -25.34
C LYS D 90 -4.18 -13.68 -24.54
N GLY D 91 -3.88 -14.61 -23.63
CA GLY D 91 -4.84 -15.23 -22.73
C GLY D 91 -5.16 -14.50 -21.44
N GLY D 92 -4.30 -13.62 -20.95
CA GLY D 92 -4.56 -12.92 -19.68
C GLY D 92 -5.46 -11.69 -19.77
N SER D 93 -6.26 -11.46 -18.73
CA SER D 93 -7.08 -10.25 -18.63
C SER D 93 -6.23 -9.04 -18.23
N HIS D 94 -6.50 -7.91 -18.87
CA HIS D 94 -5.90 -6.64 -18.47
C HIS D 94 -6.90 -5.48 -18.41
N THR D 95 -6.49 -4.39 -17.74
CA THR D 95 -7.43 -3.29 -17.42
C THR D 95 -6.87 -1.97 -17.79
N PHE D 96 -7.63 -1.22 -18.63
CA PHE D 96 -7.35 0.18 -18.87
C PHE D 96 -8.39 0.99 -18.08
N GLN D 97 -7.93 2.03 -17.41
CA GLN D 97 -8.79 3.00 -16.76
C GLN D 97 -8.45 4.36 -17.32
N ARG D 98 -9.46 5.19 -17.50
CA ARG D 98 -9.28 6.55 -17.91
C ARG D 98 -10.15 7.44 -17.00
N MET D 99 -9.61 8.54 -16.58
CA MET D 99 -10.46 9.55 -16.00
C MET D 99 -10.20 10.91 -16.61
N PHE D 100 -11.27 11.66 -16.78
CA PHE D 100 -11.15 13.01 -17.30
C PHE D 100 -12.23 13.92 -16.69
N GLY D 101 -11.98 15.23 -16.69
CA GLY D 101 -13.04 16.20 -16.30
C GLY D 101 -12.46 17.52 -15.85
N CYS D 102 -13.32 18.40 -15.31
CA CYS D 102 -12.94 19.71 -14.92
C CYS D 102 -13.38 20.05 -13.48
N ASP D 103 -12.50 20.71 -12.75
CA ASP D 103 -12.84 21.28 -11.46
C ASP D 103 -12.90 22.75 -11.66
N VAL D 104 -13.97 23.40 -11.20
CA VAL D 104 -14.11 24.82 -11.40
C VAL D 104 -14.31 25.54 -10.10
N GLY D 105 -13.85 26.77 -10.03
CA GLY D 105 -14.00 27.56 -8.82
C GLY D 105 -15.38 28.18 -8.66
N SER D 106 -15.55 28.86 -7.53
CA SER D 106 -16.69 29.74 -7.28
C SER D 106 -16.97 30.72 -8.41
N ASP D 107 -15.91 31.29 -8.96
CA ASP D 107 -16.02 32.28 -10.01
C ASP D 107 -16.23 31.66 -11.41
N TRP D 108 -16.26 30.32 -11.51
CA TRP D 108 -16.46 29.62 -12.79
C TRP D 108 -15.17 29.44 -13.58
N ARG D 109 -14.06 29.94 -13.06
CA ARG D 109 -12.79 29.71 -13.73
C ARG D 109 -12.44 28.24 -13.52
N LEU D 110 -11.91 27.60 -14.56
CA LEU D 110 -11.38 26.24 -14.43
C LEU D 110 -10.23 26.26 -13.43
N LEU D 111 -10.27 25.31 -12.50
CA LEU D 111 -9.25 25.14 -11.49
C LEU D 111 -8.30 24.10 -11.95
N ARG D 112 -8.82 23.05 -12.57
CA ARG D 112 -7.98 22.03 -13.08
C ARG D 112 -8.73 21.15 -14.04
N GLY D 113 -8.08 20.82 -15.15
CA GLY D 113 -8.59 19.79 -16.01
C GLY D 113 -7.76 18.53 -15.92
N TYR D 114 -8.39 17.41 -16.20
CA TYR D 114 -7.74 16.14 -16.17
C TYR D 114 -8.03 15.32 -17.39
N HIS D 115 -7.03 14.56 -17.80
CA HIS D 115 -7.23 13.52 -18.76
C HIS D 115 -6.09 12.53 -18.56
N GLN D 116 -6.36 11.40 -17.91
CA GLN D 116 -5.26 10.46 -17.52
C GLN D 116 -5.69 9.04 -17.50
N PHE D 117 -4.69 8.14 -17.51
CA PHE D 117 -4.91 6.73 -17.80
C PHE D 117 -4.07 5.91 -16.81
N ALA D 118 -4.59 4.72 -16.52
CA ALA D 118 -3.82 3.70 -15.82
C ALA D 118 -4.00 2.38 -16.54
N TYR D 119 -2.95 1.56 -16.48
CA TYR D 119 -2.98 0.23 -17.07
C TYR D 119 -2.59 -0.77 -16.00
N ASP D 120 -3.44 -1.77 -15.79
CA ASP D 120 -3.24 -2.83 -14.79
C ASP D 120 -2.87 -2.25 -13.43
N GLY D 121 -3.58 -1.16 -13.09
CA GLY D 121 -3.47 -0.51 -11.80
C GLY D 121 -2.38 0.52 -11.61
N ARG D 122 -1.54 0.70 -12.61
CA ARG D 122 -0.40 1.58 -12.52
C ARG D 122 -0.64 2.79 -13.41
N ASP D 123 -0.21 3.97 -12.98
CA ASP D 123 -0.26 5.14 -13.88
C ASP D 123 0.39 4.81 -15.23
N TYR D 124 -0.23 5.23 -16.32
CA TYR D 124 0.29 5.01 -17.63
C TYR D 124 0.70 6.34 -18.22
N ILE D 125 -0.28 7.19 -18.48
CA ILE D 125 -0.01 8.52 -19.04
C ILE D 125 -1.02 9.50 -18.57
N ALA D 126 -0.57 10.75 -18.42
CA ALA D 126 -1.41 11.84 -17.92
C ALA D 126 -1.15 13.15 -18.60
N LEU D 127 -2.26 13.87 -18.90
CA LEU D 127 -2.14 15.26 -19.33
C LEU D 127 -1.77 16.09 -18.14
N ASN D 128 -0.72 16.88 -18.28
CA ASN D 128 -0.22 17.71 -17.19
C ASN D 128 -1.15 18.87 -16.92
N GLU D 129 -0.89 19.54 -15.81
CA GLU D 129 -1.75 20.61 -15.31
C GLU D 129 -1.82 21.77 -16.33
N ASP D 130 -0.78 21.88 -17.12
CA ASP D 130 -0.71 22.90 -18.16
C ASP D 130 -1.71 22.65 -19.30
N LEU D 131 -2.19 21.42 -19.39
CA LEU D 131 -3.05 20.96 -20.46
C LEU D 131 -2.36 21.07 -21.83
N LYS D 132 -1.03 20.94 -21.84
CA LYS D 132 -0.24 21.08 -23.05
C LYS D 132 0.75 19.94 -23.24
N THR D 133 1.26 19.41 -22.13
CA THR D 133 2.28 18.37 -22.13
C THR D 133 1.79 17.09 -21.44
N TRP D 134 2.50 15.99 -21.66
CA TRP D 134 2.10 14.71 -21.14
C TRP D 134 3.23 14.12 -20.30
N THR D 135 2.88 13.50 -19.16
CA THR D 135 3.82 12.72 -18.36
C THR D 135 3.56 11.27 -18.60
N ALA D 136 4.55 10.57 -19.14
CA ALA D 136 4.43 9.12 -19.35
C ALA D 136 5.09 8.40 -18.18
N ALA D 137 4.54 7.28 -17.74
CA ALA D 137 5.13 6.59 -16.62
C ALA D 137 6.27 5.67 -17.00
N ASP D 138 6.32 5.14 -18.22
CA ASP D 138 7.37 4.18 -18.56
C ASP D 138 7.69 4.21 -20.03
N THR D 139 8.56 3.29 -20.47
CA THR D 139 8.97 3.28 -21.86
C THR D 139 7.81 2.97 -22.86
N ALA D 140 6.85 2.15 -22.46
CA ALA D 140 5.68 1.90 -23.29
C ALA D 140 4.88 3.20 -23.48
N ALA D 141 4.60 3.88 -22.36
CA ALA D 141 3.78 5.09 -22.36
C ALA D 141 4.50 6.21 -23.05
N LEU D 142 5.82 6.14 -23.16
CA LEU D 142 6.56 7.12 -23.89
C LEU D 142 6.25 7.02 -25.39
N ILE D 143 6.05 5.81 -25.89
CA ILE D 143 5.66 5.66 -27.28
C ILE D 143 4.34 6.38 -27.46
N THR D 144 3.36 6.11 -26.59
CA THR D 144 2.09 6.79 -26.64
C THR D 144 2.24 8.29 -26.61
N ARG D 145 3.09 8.76 -25.70
CA ARG D 145 3.34 10.17 -25.60
C ARG D 145 3.86 10.76 -26.92
N ARG D 146 4.80 10.10 -27.62
CA ARG D 146 5.28 10.67 -28.85
C ARG D 146 4.14 10.72 -29.86
N LYS D 147 3.35 9.64 -29.90
CA LYS D 147 2.24 9.59 -30.83
C LYS D 147 1.32 10.76 -30.61
N TRP D 148 1.01 11.03 -29.35
CA TRP D 148 0.04 12.04 -29.06
C TRP D 148 0.64 13.44 -29.28
N GLU D 149 1.93 13.60 -29.04
CA GLU D 149 2.55 14.88 -29.33
C GLU D 149 2.53 15.11 -30.86
N GLN D 150 2.97 14.11 -31.62
CA GLN D 150 2.93 14.25 -33.10
C GLN D 150 1.53 14.64 -33.58
N ALA D 151 0.51 14.02 -33.04
CA ALA D 151 -0.87 14.21 -33.45
C ALA D 151 -1.47 15.55 -33.00
N GLY D 152 -0.95 16.13 -31.91
CA GLY D 152 -1.39 17.40 -31.41
C GLY D 152 -2.64 17.30 -30.56
N ASP D 153 -2.94 16.09 -30.07
CA ASP D 153 -4.15 15.80 -29.29
C ASP D 153 -4.39 16.61 -28.02
N ALA D 154 -3.33 17.03 -27.37
CA ALA D 154 -3.47 17.86 -26.16
C ALA D 154 -4.25 19.14 -26.41
N GLU D 155 -4.07 19.76 -27.57
CA GLU D 155 -4.83 20.93 -27.96
C GLU D 155 -6.35 20.67 -27.94
N TYR D 156 -6.76 19.48 -28.37
CA TYR D 156 -8.15 19.07 -28.43
C TYR D 156 -8.70 18.91 -27.01
N TYR D 157 -7.97 18.15 -26.21
CA TYR D 157 -8.36 17.94 -24.84
C TYR D 157 -8.38 19.26 -24.10
N ARG D 158 -7.37 20.12 -24.28
CA ARG D 158 -7.33 21.42 -23.58
C ARG D 158 -8.58 22.23 -23.96
N ALA D 159 -8.86 22.29 -25.25
CA ALA D 159 -10.02 23.02 -25.71
C ALA D 159 -11.33 22.59 -25.00
N TYR D 160 -11.59 21.29 -24.90
CA TYR D 160 -12.75 20.77 -24.20
C TYR D 160 -12.71 21.15 -22.73
N LEU D 161 -11.58 20.94 -22.11
CA LEU D 161 -11.49 21.08 -20.65
C LEU D 161 -11.62 22.50 -20.20
N GLU D 162 -11.14 23.42 -20.99
CA GLU D 162 -11.26 24.85 -20.74
C GLU D 162 -12.52 25.54 -21.22
N GLY D 163 -13.38 24.84 -21.96
CA GLY D 163 -14.50 25.43 -22.68
C GLY D 163 -15.75 24.63 -22.40
N GLU D 164 -16.04 23.68 -23.29
CA GLU D 164 -17.27 22.93 -23.19
C GLU D 164 -17.43 22.06 -21.90
N CYS D 165 -16.39 21.43 -21.36
CA CYS D 165 -16.51 20.73 -20.06
C CYS D 165 -17.22 21.62 -19.03
N VAL D 166 -16.71 22.84 -18.88
CA VAL D 166 -17.25 23.81 -17.97
C VAL D 166 -18.71 24.19 -18.32
N GLU D 167 -18.97 24.38 -19.62
CA GLU D 167 -20.32 24.72 -20.08
C GLU D 167 -21.31 23.60 -19.78
N TRP D 168 -20.90 22.35 -19.97
CA TRP D 168 -21.74 21.22 -19.68
C TRP D 168 -21.97 21.05 -18.16
N LEU D 169 -20.90 21.27 -17.40
CA LEU D 169 -21.02 21.25 -15.94
C LEU D 169 -22.08 22.28 -15.49
N ARG D 170 -22.02 23.52 -16.01
CA ARG D 170 -23.02 24.54 -15.67
C ARG D 170 -24.44 24.07 -16.03
N ARG D 171 -24.60 23.48 -17.21
CA ARG D 171 -25.90 22.97 -17.63
C ARG D 171 -26.41 21.89 -16.69
N TYR D 172 -25.56 20.93 -16.32
CA TYR D 172 -25.99 19.87 -15.40
C TYR D 172 -26.39 20.40 -14.00
N LEU D 173 -25.65 21.39 -13.53
CA LEU D 173 -25.96 22.02 -12.25
C LEU D 173 -27.32 22.69 -12.33
N GLU D 174 -27.67 23.31 -13.48
CA GLU D 174 -29.02 23.91 -13.69
C GLU D 174 -30.14 22.88 -13.78
N LEU D 175 -29.94 21.86 -14.58
CA LEU D 175 -30.89 20.79 -14.71
C LEU D 175 -31.13 20.13 -13.40
N GLY D 176 -30.09 20.00 -12.61
CA GLY D 176 -30.13 19.29 -11.32
C GLY D 176 -30.15 20.20 -10.09
N ASN D 177 -30.59 21.46 -10.29
CA ASN D 177 -30.54 22.51 -9.30
C ASN D 177 -31.07 22.02 -7.91
N GLU D 178 -32.20 21.33 -7.94
CA GLU D 178 -32.94 20.93 -6.74
C GLU D 178 -32.13 20.00 -5.83
N THR D 179 -31.28 19.16 -6.43
CA THR D 179 -30.49 18.20 -5.67
C THR D 179 -28.99 18.51 -5.69
N LEU D 180 -28.43 19.02 -6.81
CA LEU D 180 -27.01 19.32 -6.84
C LEU D 180 -26.61 20.63 -6.16
N LEU D 181 -27.49 21.65 -6.22
CA LEU D 181 -27.17 22.95 -5.70
C LEU D 181 -27.81 23.11 -4.32
N ARG D 182 -27.75 22.03 -3.55
CA ARG D 182 -28.31 22.02 -2.23
C ARG D 182 -27.22 21.48 -1.39
N THR D 183 -27.21 21.87 -0.14
CA THR D 183 -26.32 21.30 0.84
C THR D 183 -27.22 20.77 1.97
N ASP D 184 -27.02 19.51 2.36
CA ASP D 184 -27.74 18.88 3.48
C ASP D 184 -26.69 18.69 4.62
N SER D 185 -26.87 19.42 5.72
CA SER D 185 -26.12 19.19 6.98
C SER D 185 -26.26 17.79 7.42
N PRO D 186 -25.23 17.26 8.10
CA PRO D 186 -25.35 16.03 8.82
C PRO D 186 -26.38 16.06 9.94
N LYS D 187 -27.19 15.02 10.00
CA LYS D 187 -28.03 14.74 11.19
C LYS D 187 -27.06 13.99 12.08
N ALA D 188 -26.77 14.53 13.25
CA ALA D 188 -25.73 13.95 14.08
C ALA D 188 -26.27 13.50 15.42
N HIS D 189 -25.78 12.37 15.90
CA HIS D 189 -26.07 11.98 17.28
C HIS D 189 -25.03 11.03 17.82
N VAL D 190 -25.05 10.84 19.15
CA VAL D 190 -24.06 9.99 19.83
C VAL D 190 -24.79 8.78 20.41
N THR D 191 -24.24 7.58 20.16
CA THR D 191 -24.72 6.33 20.75
C THR D 191 -23.73 5.79 21.79
N TYR D 192 -24.26 5.00 22.75
CA TYR D 192 -23.57 4.53 23.93
C TYR D 192 -23.55 3.01 23.83
N HIS D 193 -22.39 2.38 23.96
CA HIS D 193 -22.33 0.95 23.79
C HIS D 193 -21.44 0.37 24.90
N PRO D 194 -22.01 -0.46 25.78
CA PRO D 194 -21.23 -1.10 26.85
C PRO D 194 -20.01 -1.80 26.26
N ARG D 195 -18.86 -1.65 26.92
CA ARG D 195 -17.63 -2.27 26.47
C ARG D 195 -17.03 -3.19 27.56
N SER D 196 -16.72 -2.65 28.72
CA SER D 196 -16.20 -3.43 29.78
C SER D 196 -16.85 -2.93 31.08
N GLN D 197 -16.32 -3.38 32.21
CA GLN D 197 -16.76 -2.92 33.56
C GLN D 197 -16.14 -1.57 33.88
N VAL D 198 -15.14 -1.16 33.13
CA VAL D 198 -14.49 0.14 33.32
C VAL D 198 -14.83 1.12 32.20
N ASP D 199 -15.32 0.61 31.06
CA ASP D 199 -15.26 1.29 29.79
C ASP D 199 -16.54 1.23 29.02
N VAL D 200 -16.76 2.28 28.23
CA VAL D 200 -17.79 2.27 27.23
C VAL D 200 -17.30 2.85 25.88
N THR D 201 -17.97 2.49 24.81
CA THR D 201 -17.70 3.09 23.52
C THR D 201 -18.77 4.16 23.28
N LEU D 202 -18.36 5.37 22.93
CA LEU D 202 -19.27 6.40 22.39
C LEU D 202 -19.03 6.51 20.89
N ARG D 203 -20.10 6.41 20.10
CA ARG D 203 -20.04 6.50 18.65
C ARG D 203 -20.83 7.74 18.22
N CYS D 204 -20.15 8.64 17.50
CA CYS D 204 -20.72 9.88 16.98
C CYS D 204 -21.03 9.63 15.52
N TRP D 205 -22.30 9.86 15.16
CA TRP D 205 -22.81 9.60 13.84
C TRP D 205 -23.10 10.90 13.09
N ALA D 206 -22.78 10.90 11.78
CA ALA D 206 -23.13 11.95 10.86
C ALA D 206 -23.89 11.26 9.77
N LEU D 207 -25.18 11.61 9.59
CA LEU D 207 -26.00 10.91 8.64
C LEU D 207 -26.70 11.87 7.69
N GLY D 208 -27.05 11.37 6.54
CA GLY D 208 -27.89 12.14 5.58
C GLY D 208 -27.28 13.42 4.98
N PHE D 209 -25.97 13.45 4.88
CA PHE D 209 -25.32 14.68 4.48
C PHE D 209 -24.88 14.66 3.01
N TYR D 210 -24.71 15.86 2.48
CA TYR D 210 -24.30 16.11 1.13
C TYR D 210 -23.74 17.53 1.07
N PRO D 211 -22.59 17.78 0.44
CA PRO D 211 -21.73 16.78 -0.26
C PRO D 211 -20.94 15.88 0.68
N ALA D 212 -20.09 15.00 0.14
CA ALA D 212 -19.48 13.94 1.00
C ALA D 212 -18.34 14.40 1.94
N ASP D 213 -17.67 15.49 1.64
CA ASP D 213 -16.57 15.88 2.47
C ASP D 213 -17.09 16.21 3.87
N ILE D 214 -16.42 15.71 4.89
CA ILE D 214 -16.82 16.01 6.27
C ILE D 214 -15.66 15.74 7.18
N THR D 215 -15.60 16.47 8.31
CA THR D 215 -14.67 16.15 9.42
C THR D 215 -15.47 15.84 10.68
N LEU D 216 -15.14 14.69 11.29
CA LEU D 216 -15.64 14.26 12.59
C LEU D 216 -14.47 14.03 13.48
N THR D 217 -14.45 14.69 14.63
CA THR D 217 -13.49 14.33 15.64
C THR D 217 -14.04 14.43 17.08
N TRP D 218 -13.33 13.76 17.95
CA TRP D 218 -13.62 13.74 19.37
C TRP D 218 -12.56 14.55 20.12
N GLN D 219 -12.99 15.25 21.15
CA GLN D 219 -12.12 16.00 22.04
C GLN D 219 -12.46 15.60 23.48
N LEU D 220 -11.51 15.72 24.41
CA LEU D 220 -11.76 15.38 25.80
C LEU D 220 -11.38 16.58 26.59
N ASN D 221 -12.36 17.12 27.34
CA ASN D 221 -12.19 18.39 28.02
C ASN D 221 -11.63 19.45 27.08
N GLY D 222 -12.02 19.40 25.80
CA GLY D 222 -11.63 20.41 24.82
C GLY D 222 -10.23 20.26 24.23
N GLU D 223 -9.60 19.09 24.45
CA GLU D 223 -8.26 18.75 23.90
C GLU D 223 -8.37 17.51 22.97
N ASP D 224 -7.45 17.23 22.06
CA ASP D 224 -7.65 15.95 21.39
C ASP D 224 -7.04 14.77 22.15
N LEU D 225 -7.52 13.59 21.79
CA LEU D 225 -7.33 12.38 22.57
C LEU D 225 -5.89 11.85 22.69
N THR D 226 -5.59 11.29 23.87
CA THR D 226 -4.50 10.31 24.06
C THR D 226 -4.82 8.84 23.66
N GLN D 227 -6.05 8.36 23.83
CA GLN D 227 -6.42 7.07 23.29
C GLN D 227 -6.65 7.15 21.79
N ASP D 228 -6.81 6.00 21.12
CA ASP D 228 -7.12 6.06 19.67
C ASP D 228 -8.59 6.36 19.57
N MET D 229 -8.96 6.77 18.38
CA MET D 229 -10.32 6.98 17.99
C MET D 229 -10.46 6.13 16.74
N GLU D 230 -11.58 5.46 16.60
CA GLU D 230 -11.85 4.59 15.46
C GLU D 230 -12.75 5.41 14.55
N LEU D 231 -12.45 5.41 13.26
CA LEU D 231 -13.17 6.25 12.31
C LEU D 231 -13.42 5.43 11.08
N VAL D 232 -14.63 5.42 10.52
CA VAL D 232 -14.89 4.65 9.30
C VAL D 232 -14.76 5.60 8.13
N GLU D 233 -14.41 5.04 6.96
CA GLU D 233 -14.47 5.79 5.69
C GLU D 233 -15.90 6.30 5.48
N THR D 234 -16.03 7.51 5.01
CA THR D 234 -17.33 8.04 4.54
C THR D 234 -17.93 7.09 3.50
N ARG D 235 -19.21 6.82 3.62
CA ARG D 235 -19.88 5.76 2.91
C ARG D 235 -21.22 6.22 2.36
N PRO D 236 -21.58 5.70 1.20
CA PRO D 236 -22.89 6.17 0.60
C PRO D 236 -24.09 5.50 1.20
N ALA D 237 -25.13 6.28 1.46
CA ALA D 237 -26.38 5.76 2.05
C ALA D 237 -27.20 5.03 1.01
N GLY D 238 -27.04 5.40 -0.26
CA GLY D 238 -27.75 4.80 -1.38
C GLY D 238 -28.84 5.73 -1.88
N ASP D 239 -29.14 6.77 -1.11
CA ASP D 239 -30.22 7.69 -1.46
C ASP D 239 -29.68 9.05 -1.87
N GLY D 240 -28.39 9.10 -2.22
CA GLY D 240 -27.74 10.34 -2.65
C GLY D 240 -27.01 11.06 -1.52
N THR D 241 -27.18 10.62 -0.27
CA THR D 241 -26.50 11.26 0.86
C THR D 241 -25.42 10.31 1.34
N PHE D 242 -24.64 10.79 2.31
CA PHE D 242 -23.53 10.04 2.89
C PHE D 242 -23.61 9.90 4.39
N GLN D 243 -22.79 8.98 4.90
CA GLN D 243 -22.73 8.63 6.29
C GLN D 243 -21.30 8.55 6.77
N LYS D 244 -21.10 8.83 8.05
CA LYS D 244 -19.78 8.55 8.68
C LYS D 244 -19.97 8.44 10.18
N TRP D 245 -19.02 7.75 10.82
CA TRP D 245 -18.95 7.72 12.26
C TRP D 245 -17.55 7.71 12.84
N ALA D 246 -17.45 8.15 14.10
CA ALA D 246 -16.21 8.20 14.85
C ALA D 246 -16.51 7.74 16.27
N ALA D 247 -15.66 6.86 16.79
CA ALA D 247 -15.91 6.21 18.06
C ALA D 247 -14.69 6.25 18.93
N VAL D 248 -14.94 6.35 20.24
CA VAL D 248 -13.92 6.45 21.22
C VAL D 248 -14.34 5.59 22.42
N VAL D 249 -13.33 5.02 23.06
CA VAL D 249 -13.54 4.25 24.30
C VAL D 249 -13.29 5.20 25.47
N VAL D 250 -14.26 5.36 26.36
CA VAL D 250 -14.11 6.31 27.44
C VAL D 250 -14.40 5.63 28.80
N PRO D 251 -13.86 6.19 29.87
CA PRO D 251 -14.12 5.60 31.19
C PRO D 251 -15.55 5.82 31.68
N LEU D 252 -16.18 4.79 32.24
CA LEU D 252 -17.45 4.95 32.96
C LEU D 252 -17.26 6.00 34.02
N GLY D 253 -18.14 7.00 34.04
CA GLY D 253 -18.02 8.14 34.94
C GLY D 253 -17.56 9.43 34.27
N LYS D 254 -17.01 9.33 33.08
CA LYS D 254 -16.41 10.49 32.38
C LYS D 254 -16.97 10.70 30.98
N GLU D 255 -18.06 10.01 30.66
CA GLU D 255 -18.60 10.08 29.31
C GLU D 255 -18.97 11.47 28.85
N GLN D 256 -19.49 12.28 29.77
CA GLN D 256 -20.03 13.61 29.42
C GLN D 256 -18.93 14.59 29.04
N ASN D 257 -17.72 14.26 29.45
CA ASN D 257 -16.57 15.11 29.25
C ASN D 257 -16.01 15.10 27.84
N TYR D 258 -16.42 14.11 27.06
CA TYR D 258 -16.02 13.97 25.67
C TYR D 258 -17.01 14.65 24.74
N THR D 259 -16.49 15.30 23.72
CA THR D 259 -17.35 15.99 22.76
C THR D 259 -16.95 15.61 21.36
N CYS D 260 -17.96 15.46 20.53
CA CYS D 260 -17.80 15.18 19.13
C CYS D 260 -18.06 16.44 18.35
N HIS D 261 -17.18 16.70 17.38
CA HIS D 261 -17.20 17.93 16.60
C HIS D 261 -17.31 17.61 15.12
N VAL D 262 -18.22 18.31 14.43
CA VAL D 262 -18.59 18.04 13.03
C VAL D 262 -18.39 19.29 12.21
N HIS D 263 -17.58 19.15 11.14
CA HIS D 263 -17.38 20.22 10.18
C HIS D 263 -17.93 19.75 8.87
N HIS D 264 -18.62 20.65 8.16
CA HIS D 264 -19.29 20.28 6.91
C HIS D 264 -19.66 21.59 6.18
N LYS D 265 -19.66 21.55 4.84
CA LYS D 265 -20.06 22.70 4.03
C LYS D 265 -21.39 23.28 4.51
N GLY D 266 -22.33 22.39 4.83
CA GLY D 266 -23.66 22.73 5.35
C GLY D 266 -23.73 23.36 6.70
N LEU D 267 -22.63 23.36 7.45
CA LEU D 267 -22.57 24.02 8.73
C LEU D 267 -21.76 25.33 8.66
N PRO D 268 -22.44 26.48 8.79
CA PRO D 268 -21.72 27.73 9.04
C PRO D 268 -20.85 27.68 10.30
N GLU D 269 -21.34 27.02 11.33
CA GLU D 269 -20.59 26.88 12.56
C GLU D 269 -20.50 25.37 12.81
N PRO D 270 -19.33 24.87 13.26
CA PRO D 270 -19.26 23.43 13.45
C PRO D 270 -20.18 22.96 14.57
N LEU D 271 -20.61 21.71 14.49
CA LEU D 271 -21.50 21.10 15.42
C LEU D 271 -20.64 20.56 16.59
N THR D 272 -21.12 20.70 17.83
CA THR D 272 -20.53 20.07 19.03
C THR D 272 -21.59 19.26 19.74
N LEU D 273 -21.35 17.94 19.91
CA LEU D 273 -22.32 17.05 20.57
C LEU D 273 -21.68 16.25 21.70
N ARG D 274 -22.49 15.86 22.66
CA ARG D 274 -22.03 15.00 23.79
C ARG D 274 -23.11 14.07 24.31
N TRP D 275 -22.69 12.91 24.86
CA TRP D 275 -23.60 11.94 25.41
C TRP D 275 -24.33 12.63 26.53
N LYS D 276 -25.59 12.95 26.29
CA LYS D 276 -26.39 13.56 27.35
C LYS D 276 -27.40 12.51 27.83
N PRO D 277 -27.29 12.09 29.11
CA PRO D 277 -28.06 10.95 29.62
C PRO D 277 -29.05 10.35 28.61
N MET E 1 0.59 -5.76 -12.90
CA MET E 1 -0.66 -5.89 -12.13
C MET E 1 -0.43 -5.33 -10.72
N ILE E 2 -1.44 -4.63 -10.22
CA ILE E 2 -1.48 -4.26 -8.83
C ILE E 2 -2.71 -4.87 -8.22
N GLN E 3 -2.53 -5.52 -7.09
CA GLN E 3 -3.68 -6.00 -6.34
C GLN E 3 -3.84 -5.20 -5.03
N ARG E 4 -5.07 -4.80 -4.78
CA ARG E 4 -5.46 -4.03 -3.62
C ARG E 4 -6.63 -4.81 -3.00
N THR E 5 -6.58 -5.07 -1.69
CA THR E 5 -7.57 -5.92 -1.04
C THR E 5 -8.75 -5.05 -0.66
N PRO E 6 -10.00 -5.51 -0.88
CA PRO E 6 -11.16 -4.67 -0.61
C PRO E 6 -11.39 -4.37 0.89
N LYS E 7 -11.82 -3.16 1.17
CA LYS E 7 -12.37 -2.81 2.47
C LYS E 7 -13.85 -3.04 2.33
N ILE E 8 -14.49 -3.47 3.44
CA ILE E 8 -15.91 -3.84 3.46
C ILE E 8 -16.61 -3.13 4.60
N GLN E 9 -17.73 -2.46 4.31
CA GLN E 9 -18.60 -1.96 5.40
C GLN E 9 -20.00 -2.46 5.13
N VAL E 10 -20.67 -2.93 6.18
CA VAL E 10 -22.00 -3.45 6.07
C VAL E 10 -22.83 -2.62 7.05
N TYR E 11 -23.93 -2.03 6.54
CA TYR E 11 -24.72 -1.07 7.27
C TYR E 11 -26.11 -0.86 6.62
N SER E 12 -27.01 -0.27 7.37
CA SER E 12 -28.35 0.00 6.86
C SER E 12 -28.41 1.46 6.41
N ARG E 13 -29.25 1.74 5.41
CA ARG E 13 -29.47 3.11 4.97
C ARG E 13 -29.94 4.01 6.08
N HIS E 14 -30.93 3.55 6.84
CA HIS E 14 -31.48 4.31 7.98
C HIS E 14 -31.28 3.49 9.24
N PRO E 15 -31.28 4.12 10.44
CA PRO E 15 -31.31 3.36 11.69
C PRO E 15 -32.32 2.23 11.69
N ALA E 16 -31.89 1.07 12.14
CA ALA E 16 -32.69 -0.10 11.98
C ALA E 16 -33.82 -0.05 13.00
N GLU E 17 -35.01 -0.38 12.54
CA GLU E 17 -36.18 -0.45 13.42
C GLU E 17 -36.78 -1.78 13.09
N ASN E 18 -36.83 -2.65 14.09
CA ASN E 18 -37.43 -3.97 13.93
C ASN E 18 -38.81 -3.90 13.23
N GLY E 19 -38.96 -4.62 12.12
CA GLY E 19 -40.25 -4.68 11.39
C GLY E 19 -40.49 -3.51 10.44
N LYS E 20 -39.50 -2.64 10.27
CA LYS E 20 -39.67 -1.54 9.36
C LYS E 20 -38.74 -1.64 8.16
N SER E 21 -39.34 -1.44 7.00
CA SER E 21 -38.66 -1.50 5.75
C SER E 21 -37.44 -0.55 5.72
N ASN E 22 -36.40 -0.98 5.04
CA ASN E 22 -35.07 -0.34 5.10
C ASN E 22 -34.23 -0.90 3.97
N PHE E 23 -32.97 -0.50 3.89
CA PHE E 23 -32.02 -0.96 2.89
C PHE E 23 -30.74 -1.44 3.57
N LEU E 24 -30.27 -2.62 3.17
CA LEU E 24 -29.02 -3.21 3.65
C LEU E 24 -27.99 -2.95 2.59
N ASN E 25 -26.87 -2.33 2.97
CA ASN E 25 -25.81 -1.95 2.09
C ASN E 25 -24.57 -2.75 2.45
N CYS E 26 -23.84 -3.09 1.44
CA CYS E 26 -22.47 -3.55 1.59
C CYS E 26 -21.64 -2.75 0.64
N TYR E 27 -20.78 -1.93 1.21
CA TYR E 27 -19.92 -1.03 0.46
C TYR E 27 -18.52 -1.62 0.43
N VAL E 28 -18.06 -1.91 -0.78
CA VAL E 28 -16.75 -2.47 -1.02
C VAL E 28 -15.92 -1.50 -1.82
N SER E 29 -14.75 -1.20 -1.29
CA SER E 29 -13.90 -0.18 -1.84
C SER E 29 -12.42 -0.51 -1.73
N GLY E 30 -11.62 0.30 -2.41
CA GLY E 30 -10.16 0.20 -2.35
C GLY E 30 -9.64 -1.09 -2.97
N PHE E 31 -10.33 -1.68 -3.93
CA PHE E 31 -9.83 -2.91 -4.51
C PHE E 31 -9.30 -2.75 -5.93
N HIS E 32 -8.45 -3.71 -6.30
CA HIS E 32 -7.96 -3.83 -7.70
C HIS E 32 -7.45 -5.23 -7.83
N PRO E 33 -7.78 -5.95 -8.91
CA PRO E 33 -8.55 -5.51 -10.06
C PRO E 33 -10.07 -5.45 -9.77
N SER E 34 -10.87 -5.14 -10.78
CA SER E 34 -12.27 -4.84 -10.58
C SER E 34 -13.14 -6.08 -10.36
N ASP E 35 -12.70 -7.21 -10.85
CA ASP E 35 -13.43 -8.45 -10.70
C ASP E 35 -13.63 -8.78 -9.20
N ILE E 36 -14.90 -8.94 -8.78
CA ILE E 36 -15.23 -9.19 -7.40
C ILE E 36 -16.63 -9.83 -7.32
N GLU E 37 -16.85 -10.68 -6.32
CA GLU E 37 -18.14 -11.31 -6.07
C GLU E 37 -18.60 -10.88 -4.72
N VAL E 38 -19.82 -10.39 -4.63
CA VAL E 38 -20.35 -9.92 -3.38
C VAL E 38 -21.73 -10.52 -3.29
N ASP E 39 -22.03 -11.16 -2.15
CA ASP E 39 -23.37 -11.62 -1.85
C ASP E 39 -23.86 -11.05 -0.54
N LEU E 40 -25.15 -10.85 -0.44
CA LEU E 40 -25.71 -10.43 0.83
C LEU E 40 -26.37 -11.67 1.37
N LEU E 41 -26.21 -11.88 2.69
CA LEU E 41 -26.66 -13.10 3.33
C LEU E 41 -27.68 -12.82 4.41
N LYS E 42 -28.74 -13.61 4.45
CA LYS E 42 -29.70 -13.55 5.57
C LYS E 42 -29.70 -14.92 6.23
N ASN E 43 -29.31 -14.99 7.51
CA ASN E 43 -29.19 -16.27 8.21
C ASN E 43 -28.36 -17.31 7.43
N GLY E 44 -27.21 -16.87 6.89
CA GLY E 44 -26.37 -17.70 6.03
C GLY E 44 -26.85 -18.05 4.61
N GLU E 45 -27.98 -17.50 4.17
CA GLU E 45 -28.63 -17.81 2.88
C GLU E 45 -28.49 -16.61 2.00
N ARG E 46 -28.15 -16.85 0.74
CA ARG E 46 -27.86 -15.78 -0.19
C ARG E 46 -29.13 -15.05 -0.56
N ILE E 47 -29.12 -13.74 -0.53
CA ILE E 47 -30.27 -12.95 -0.87
C ILE E 47 -30.25 -12.75 -2.36
N GLU E 48 -31.38 -13.01 -3.02
CA GLU E 48 -31.49 -12.91 -4.47
C GLU E 48 -31.87 -11.52 -5.03
N LYS E 49 -32.32 -10.60 -4.20
CA LYS E 49 -32.84 -9.37 -4.79
C LYS E 49 -31.78 -8.30 -5.08
N VAL E 50 -30.48 -8.63 -5.09
CA VAL E 50 -29.53 -7.63 -4.72
C VAL E 50 -29.09 -6.81 -5.94
N GLU E 51 -29.02 -5.49 -5.78
CA GLU E 51 -28.59 -4.61 -6.85
C GLU E 51 -27.24 -4.01 -6.50
N HIS E 52 -26.56 -3.47 -7.50
CA HIS E 52 -25.36 -2.72 -7.19
C HIS E 52 -25.19 -1.49 -8.03
N SER E 53 -24.38 -0.56 -7.53
CA SER E 53 -24.02 0.67 -8.22
C SER E 53 -23.11 0.37 -9.41
N ASP E 54 -22.94 1.36 -10.28
CA ASP E 54 -22.13 1.20 -11.46
C ASP E 54 -20.66 1.33 -11.04
N LEU E 55 -19.80 0.44 -11.59
CA LEU E 55 -18.39 0.44 -11.27
C LEU E 55 -17.76 1.81 -11.46
N SER E 56 -17.08 2.25 -10.42
CA SER E 56 -16.31 3.47 -10.47
C SER E 56 -15.05 3.29 -9.68
N PHE E 57 -14.26 4.34 -9.58
CA PHE E 57 -12.97 4.27 -8.94
C PHE E 57 -12.53 5.60 -8.44
N SER E 58 -11.60 5.58 -7.49
CA SER E 58 -11.17 6.75 -6.72
C SER E 58 -9.87 7.32 -7.29
N LYS E 59 -9.32 8.34 -6.64
CA LYS E 59 -8.19 9.09 -7.18
C LYS E 59 -6.97 8.20 -7.36
N ASP E 60 -6.85 7.19 -6.50
CA ASP E 60 -5.72 6.25 -6.61
C ASP E 60 -6.02 5.06 -7.56
N TRP E 61 -7.04 5.19 -8.39
CA TRP E 61 -7.47 4.15 -9.34
C TRP E 61 -8.15 2.93 -8.75
N SER E 62 -8.24 2.83 -7.41
CA SER E 62 -8.90 1.68 -6.83
C SER E 62 -10.43 1.81 -6.97
N PHE E 63 -11.08 0.67 -7.13
CA PHE E 63 -12.49 0.55 -7.41
C PHE E 63 -13.38 0.54 -6.15
N TYR E 64 -14.61 0.96 -6.35
CA TYR E 64 -15.68 0.87 -5.32
C TYR E 64 -17.03 0.54 -5.91
N LEU E 65 -17.87 -0.15 -5.11
CA LEU E 65 -19.19 -0.62 -5.50
C LEU E 65 -20.03 -0.64 -4.21
N LEU E 66 -21.30 -0.26 -4.37
CA LEU E 66 -22.34 -0.44 -3.30
C LEU E 66 -23.32 -1.55 -3.69
N TYR E 67 -23.39 -2.62 -2.90
CA TYR E 67 -24.38 -3.65 -3.14
C TYR E 67 -25.49 -3.35 -2.15
N TYR E 68 -26.74 -3.54 -2.54
CA TYR E 68 -27.84 -3.20 -1.64
C TYR E 68 -29.09 -3.96 -1.94
N THR E 69 -29.93 -4.06 -0.93
CA THR E 69 -31.21 -4.66 -1.10
C THR E 69 -32.16 -4.06 -0.06
N GLU E 70 -33.44 -4.00 -0.41
CA GLU E 70 -34.52 -3.71 0.53
C GLU E 70 -34.56 -4.83 1.54
N PHE E 71 -34.76 -4.47 2.80
CA PHE E 71 -35.00 -5.48 3.80
C PHE E 71 -35.78 -4.91 4.97
N THR E 72 -36.28 -5.83 5.77
CA THR E 72 -36.99 -5.49 6.97
C THR E 72 -36.30 -6.25 8.10
N PRO E 73 -35.44 -5.55 8.84
CA PRO E 73 -34.76 -6.21 9.93
C PRO E 73 -35.70 -6.56 11.07
N THR E 74 -35.37 -7.63 11.77
CA THR E 74 -36.08 -8.07 12.94
C THR E 74 -35.07 -8.42 14.02
N GLU E 75 -35.54 -8.72 15.23
CA GLU E 75 -34.59 -9.01 16.33
C GLU E 75 -33.78 -10.28 16.09
N LYS E 76 -34.40 -11.30 15.51
CA LYS E 76 -33.73 -12.60 15.40
C LYS E 76 -32.82 -12.76 14.16
N ASP E 77 -33.11 -12.05 13.06
CA ASP E 77 -32.44 -12.34 11.78
C ASP E 77 -31.07 -11.76 11.72
N GLU E 78 -30.13 -12.53 11.18
CA GLU E 78 -28.73 -12.16 11.10
C GLU E 78 -28.42 -11.85 9.61
N TYR E 79 -27.77 -10.72 9.33
CA TYR E 79 -27.39 -10.40 7.96
C TYR E 79 -25.89 -10.26 7.87
N ALA E 80 -25.38 -10.46 6.66
CA ALA E 80 -23.95 -10.33 6.42
C ALA E 80 -23.63 -10.08 4.96
N CYS E 81 -22.40 -9.65 4.75
CA CYS E 81 -21.86 -9.44 3.37
C CYS E 81 -20.71 -10.42 3.19
N ARG E 82 -20.72 -11.15 2.08
CA ARG E 82 -19.70 -12.11 1.77
C ARG E 82 -18.99 -11.65 0.54
N VAL E 83 -17.67 -11.47 0.64
CA VAL E 83 -16.89 -10.93 -0.46
C VAL E 83 -15.80 -11.91 -0.90
N ASN E 84 -15.72 -12.14 -2.20
CA ASN E 84 -14.58 -12.91 -2.77
C ASN E 84 -13.86 -12.09 -3.86
N HIS E 85 -12.52 -12.16 -3.85
CA HIS E 85 -11.64 -11.34 -4.68
C HIS E 85 -10.30 -12.06 -4.75
N VAL E 86 -9.49 -11.78 -5.78
CA VAL E 86 -8.22 -12.45 -5.95
C VAL E 86 -7.29 -12.30 -4.74
N THR E 87 -7.38 -11.17 -4.04
CA THR E 87 -6.54 -10.91 -2.89
C THR E 87 -6.96 -11.70 -1.61
N LEU E 88 -8.11 -12.36 -1.62
CA LEU E 88 -8.58 -13.11 -0.47
C LEU E 88 -8.38 -14.59 -0.60
N SER E 89 -7.82 -15.21 0.46
CA SER E 89 -7.64 -16.67 0.62
C SER E 89 -8.93 -17.41 0.46
N GLN E 90 -9.95 -16.86 1.08
CA GLN E 90 -11.26 -17.46 1.06
C GLN E 90 -12.19 -16.30 1.18
N PRO E 91 -13.47 -16.51 0.85
CA PRO E 91 -14.38 -15.39 0.99
C PRO E 91 -14.42 -14.81 2.42
N LYS E 92 -14.54 -13.51 2.48
CA LYS E 92 -14.54 -12.80 3.72
C LYS E 92 -16.00 -12.51 4.10
N ILE E 93 -16.42 -12.89 5.30
CA ILE E 93 -17.80 -12.63 5.76
C ILE E 93 -17.70 -11.49 6.76
N VAL E 94 -18.47 -10.41 6.52
CA VAL E 94 -18.66 -9.35 7.50
C VAL E 94 -20.11 -9.30 7.91
N LYS E 95 -20.33 -9.41 9.21
CA LYS E 95 -21.69 -9.44 9.76
C LYS E 95 -22.22 -8.02 9.89
N TRP E 96 -23.52 -7.87 9.67
CA TRP E 96 -24.15 -6.58 9.91
C TRP E 96 -24.33 -6.38 11.38
N ASP E 97 -23.85 -5.25 11.85
CA ASP E 97 -24.04 -4.83 13.23
C ASP E 97 -24.81 -3.53 13.19
N ARG E 98 -26.05 -3.54 13.66
CA ARG E 98 -26.92 -2.34 13.68
C ARG E 98 -26.28 -1.06 14.16
N ASP E 99 -25.28 -1.18 15.04
CA ASP E 99 -24.64 -0.05 15.70
C ASP E 99 -23.34 0.37 15.02
N MET E 100 -23.11 -0.12 13.81
CA MET E 100 -21.93 0.29 13.03
C MET E 100 -22.18 0.58 11.54
N LEU F 1 -20.42 16.04 -20.42
CA LEU F 1 -20.46 15.48 -21.79
C LEU F 1 -19.23 14.56 -21.92
N TYR F 2 -19.45 13.40 -22.56
CA TYR F 2 -18.41 12.33 -22.56
C TYR F 2 -17.54 12.56 -23.77
N LEU F 3 -16.26 12.86 -23.54
CA LEU F 3 -15.38 13.24 -24.61
C LEU F 3 -14.71 12.00 -25.14
N VAL F 4 -14.84 11.75 -26.43
CA VAL F 4 -14.14 10.61 -27.07
C VAL F 4 -12.65 10.85 -27.16
N CYS F 5 -11.87 9.78 -27.09
CA CYS F 5 -10.44 9.88 -27.22
C CYS F 5 -10.03 10.04 -28.64
N GLY F 6 -8.86 10.62 -28.82
CA GLY F 6 -8.25 10.84 -30.14
C GLY F 6 -7.37 9.68 -30.59
N GLU F 7 -6.08 9.91 -30.81
CA GLU F 7 -5.25 8.81 -31.25
C GLU F 7 -5.24 7.72 -30.16
N ARG F 8 -5.16 6.46 -30.64
CA ARG F 8 -5.08 5.30 -29.77
C ARG F 8 -3.71 5.23 -29.11
N VAL F 9 -3.54 4.28 -28.23
CA VAL F 9 -2.29 4.15 -27.49
C VAL F 9 -1.10 3.70 -28.37
C1 GOL G . 12.50 -16.75 37.77
O1 GOL G . 13.41 -15.77 38.29
C2 GOL G . 11.18 -16.27 37.06
O2 GOL G . 10.41 -17.43 36.89
C3 GOL G . 11.11 -15.84 35.55
O3 GOL G . 11.57 -14.54 35.27
C1 GOL H . 21.33 -0.35 -25.10
O1 GOL H . 21.22 0.44 -23.91
C2 GOL H . 21.06 -1.85 -24.81
O2 GOL H . 21.35 -2.17 -23.44
C3 GOL H . 19.61 -2.17 -25.15
O3 GOL H . 19.26 -3.51 -24.80
OXT 15P I . 6.45 9.43 19.13
C1 15P I . 7.27 10.60 19.25
C2 15P I . 7.99 10.84 17.93
O1 15P I . 7.76 12.16 17.41
C3 15P I . 7.38 12.23 16.03
C4 15P I . 6.10 13.03 15.91
O2 15P I . 5.19 12.32 15.06
C5 15P I . 3.97 11.90 15.69
C6 15P I . 4.24 10.81 16.72
O3 15P I . 3.44 9.69 16.39
C1 EDO J . 9.72 -12.02 6.45
O1 EDO J . 10.68 -10.95 6.40
C2 EDO J . 8.80 -11.89 5.23
O2 EDO J . 9.54 -11.38 4.12
C1 EDO K . 30.25 -12.84 36.08
O1 EDO K . 31.05 -13.94 35.64
C2 EDO K . 28.78 -13.15 35.81
O2 EDO K . 27.95 -12.17 36.45
C1 EDO L . 3.89 -6.21 19.22
O1 EDO L . 2.90 -7.22 19.46
C2 EDO L . 3.60 -5.11 18.24
O2 EDO L . 4.25 -3.96 18.56
S SO4 M . 17.50 -1.00 -16.51
O1 SO4 M . 17.37 -0.93 -17.99
O2 SO4 M . 18.91 -1.09 -16.05
O3 SO4 M . 16.74 -2.19 -16.07
O4 SO4 M . 16.90 0.17 -15.83
S SO4 N . 35.06 -10.15 -23.95
O1 SO4 N . 35.53 -11.16 -22.97
O2 SO4 N . 36.13 -9.14 -24.16
O3 SO4 N . 34.76 -10.79 -25.26
O4 SO4 N . 33.84 -9.46 -23.45
C1 GOL O . 24.93 -3.60 -9.38
O1 GOL O . 24.79 -4.82 -8.63
C2 GOL O . 26.34 -2.99 -9.26
O2 GOL O . 26.29 -2.34 -8.03
C3 GOL O . 26.85 -2.01 -10.37
O3 GOL O . 26.11 -0.74 -10.55
C1 GOL P . 19.12 5.49 12.89
O1 GOL P . 17.95 5.11 13.64
C2 GOL P . 20.14 4.34 12.74
O2 GOL P . 19.66 3.14 12.15
C3 GOL P . 21.27 4.82 11.86
O3 GOL P . 22.50 4.11 12.03
C1 EDO Q . 39.82 4.26 -1.80
O1 EDO Q . 40.41 3.07 -1.28
C2 EDO Q . 40.34 5.49 -1.05
O2 EDO Q . 39.27 6.34 -0.62
C1 EDO R . 14.36 -8.87 6.65
O1 EDO R . 15.44 -9.11 7.61
C2 EDO R . 13.23 -8.00 7.24
O2 EDO R . 12.14 -7.82 6.32
C1 EDO S . 14.94 -1.78 2.89
O1 EDO S . 14.66 -3.20 2.66
C2 EDO S . 14.97 -1.49 4.39
O2 EDO S . 16.14 -0.71 4.70
C1 EDO T . 13.53 -6.67 32.81
O1 EDO T . 14.29 -7.84 32.52
C2 EDO T . 13.74 -5.66 31.72
O2 EDO T . 14.86 -4.82 32.04
C1 GOL U . -36.44 17.02 -10.99
O1 GOL U . -35.91 18.16 -11.63
C2 GOL U . -36.32 15.89 -11.98
O2 GOL U . -36.32 14.64 -11.29
C3 GOL U . -37.38 15.95 -13.09
O3 GOL U . -36.79 15.38 -14.29
C1 GOL V . -4.63 25.85 -17.32
O1 GOL V . -5.28 26.45 -18.44
C2 GOL V . -5.77 25.50 -16.38
O2 GOL V . -5.96 24.08 -16.48
C3 GOL V . -5.53 25.93 -14.93
O3 GOL V . -6.00 27.29 -14.79
OXT 15P W . -2.57 5.09 -37.59
C1 15P W . -3.69 5.94 -37.23
C2 15P W . -3.20 7.37 -36.95
O1 15P W . -4.21 8.39 -36.78
C3 15P W . -3.75 9.71 -36.41
C4 15P W . -3.71 10.69 -37.58
O2 15P W . -2.97 11.80 -37.05
C5 15P W . -3.67 13.07 -37.05
C6 15P W . -2.82 14.14 -36.34
O3 15P W . -3.13 15.48 -36.79
OXT 15P X . -21.15 26.91 -25.46
C1 15P X . -21.25 28.24 -24.94
C2 15P X . -22.63 28.87 -25.23
O1 15P X . -23.77 27.97 -25.17
C3 15P X . -23.63 26.82 -24.26
C4 15P X . -23.32 25.73 -25.22
O2 15P X . -24.27 24.82 -25.33
C5 15P X . -24.84 24.19 -24.09
C6 15P X . -23.82 23.62 -23.12
O3 15P X . -22.61 23.49 -23.87
C1 EDO Y . -17.05 12.00 -5.90
O1 EDO Y . -18.04 10.97 -5.72
C2 EDO Y . -16.47 11.92 -7.32
O2 EDO Y . -15.18 11.31 -7.21
C1 EDO Z . -21.72 4.56 -5.56
O1 EDO Z . -22.45 4.90 -4.36
C2 EDO Z . -21.90 5.67 -6.60
O2 EDO Z . -20.87 6.66 -6.40
C1 EDO AA . -6.46 -6.34 -14.48
O1 EDO AA . -5.55 -5.41 -13.85
C2 EDO AA . -5.97 -7.75 -14.32
O2 EDO AA . -6.96 -8.65 -14.84
S SO4 BA . 6.16 -6.10 -28.74
O1 SO4 BA . 7.26 -6.50 -29.71
O2 SO4 BA . 6.80 -5.61 -27.51
O3 SO4 BA . 5.34 -7.31 -28.56
O4 SO4 BA . 5.47 -4.97 -29.41
C1 GOL CA . -10.08 5.77 -0.10
O1 GOL CA . -10.20 4.44 -0.64
C2 GOL CA . -8.82 6.45 -0.64
O2 GOL CA . -7.67 6.14 0.19
C3 GOL CA . -8.62 6.03 -2.12
O3 GOL CA . -8.02 7.07 -2.92
C1 EDO DA . -18.77 -2.15 9.49
O1 EDO DA . -19.31 -3.11 8.59
C2 EDO DA . -19.36 -0.84 9.18
O2 EDO DA . -18.39 0.15 9.58
C1 EDO EA . -24.35 -14.64 9.19
O1 EDO EA . -23.38 -15.47 8.55
C2 EDO EA . -25.02 -13.85 8.08
O2 EDO EA . -26.25 -14.43 7.60
S SO4 FA . -3.06 9.58 -9.15
O1 SO4 FA . -3.07 8.21 -8.58
O2 SO4 FA . -2.54 9.57 -10.54
O3 SO4 FA . -4.42 10.14 -9.17
O4 SO4 FA . -2.20 10.45 -8.30
S SO4 GA . -22.15 -16.40 -6.31
O1 SO4 GA . -22.43 -17.67 -7.01
O2 SO4 GA . -20.71 -16.06 -6.45
O3 SO4 GA . -22.49 -16.61 -4.89
O4 SO4 GA . -22.94 -15.28 -6.87
S SO4 HA . -33.98 -4.48 -3.92
O1 SO4 HA . -32.55 -4.77 -4.21
O2 SO4 HA . -34.69 -5.75 -3.64
O3 SO4 HA . -34.56 -3.85 -5.13
O4 SO4 HA . -34.06 -3.55 -2.78
#